data_2M9L
#
_entry.id   2M9L
#
_entity_poly.entity_id   1
_entity_poly.type   'polypeptide(L)'
_entity_poly.pdbx_seq_one_letter_code
;ECRYWLGGCSAGQTCCKHLVCSRRHGWCVWDGTFS
;
_entity_poly.pdbx_strand_id   A
#
# COMPACT_ATOMS: atom_id res chain seq x y z
N GLU A 1 2.16 6.82 10.87
CA GLU A 1 3.05 7.08 9.75
C GLU A 1 2.68 6.22 8.55
N CYS A 2 3.09 6.66 7.36
CA CYS A 2 2.79 5.93 6.14
C CYS A 2 3.71 4.73 5.98
N ARG A 3 3.20 3.68 5.34
CA ARG A 3 3.99 2.47 5.13
C ARG A 3 4.60 2.44 3.73
N TYR A 4 5.65 1.66 3.57
CA TYR A 4 6.34 1.55 2.29
C TYR A 4 5.93 0.28 1.55
N TRP A 5 6.59 0.00 0.44
CA TRP A 5 6.29 -1.18 -0.35
C TRP A 5 6.28 -2.43 0.53
N LEU A 6 5.26 -3.27 0.33
CA LEU A 6 5.13 -4.50 1.11
C LEU A 6 5.11 -4.20 2.60
N GLY A 7 4.69 -2.98 2.94
CA GLY A 7 4.63 -2.60 4.34
C GLY A 7 3.48 -3.28 5.07
N GLY A 8 2.37 -3.46 4.39
CA GLY A 8 1.21 -4.10 5.00
C GLY A 8 0.18 -3.11 5.49
N CYS A 9 -0.68 -2.66 4.58
CA CYS A 9 -1.72 -1.69 4.94
C CYS A 9 -2.89 -2.37 5.63
N SER A 10 -3.97 -1.62 5.84
CA SER A 10 -5.15 -2.16 6.51
C SER A 10 -6.38 -1.33 6.16
N ALA A 11 -7.48 -1.60 6.87
CA ALA A 11 -8.73 -0.87 6.64
C ALA A 11 -8.64 0.55 7.17
N GLY A 12 -7.73 0.78 8.11
CA GLY A 12 -7.57 2.10 8.68
C GLY A 12 -6.14 2.61 8.57
N GLN A 13 -5.38 2.02 7.66
CA GLN A 13 -3.98 2.42 7.47
C GLN A 13 -3.80 3.15 6.15
N THR A 14 -2.59 3.64 5.90
CA THR A 14 -2.28 4.36 4.67
C THR A 14 -0.93 3.94 4.12
N CYS A 15 -0.66 4.33 2.87
CA CYS A 15 0.60 4.00 2.22
C CYS A 15 1.32 5.25 1.74
N CYS A 16 2.64 5.27 1.88
CA CYS A 16 3.44 6.41 1.47
C CYS A 16 3.16 6.78 0.01
N LYS A 17 3.75 7.88 -0.44
CA LYS A 17 3.56 8.35 -1.81
C LYS A 17 4.04 7.30 -2.81
N HIS A 18 3.52 7.36 -4.03
CA HIS A 18 3.91 6.43 -5.07
C HIS A 18 3.55 4.99 -4.68
N LEU A 19 2.62 4.86 -3.74
CA LEU A 19 2.18 3.55 -3.28
C LEU A 19 0.68 3.53 -3.03
N VAL A 20 0.09 2.34 -3.05
CA VAL A 20 -1.33 2.18 -2.81
C VAL A 20 -1.62 0.96 -1.95
N CYS A 21 -2.62 1.08 -1.07
CA CYS A 21 -2.99 -0.01 -0.18
C CYS A 21 -3.64 -1.15 -0.96
N SER A 22 -2.85 -2.14 -1.34
CA SER A 22 -3.34 -3.29 -2.09
C SER A 22 -4.16 -4.21 -1.19
N ARG A 23 -5.48 -4.12 -1.31
CA ARG A 23 -6.38 -4.95 -0.51
C ARG A 23 -6.30 -6.41 -0.95
N ARG A 24 -5.84 -6.63 -2.18
CA ARG A 24 -5.73 -7.98 -2.72
C ARG A 24 -4.41 -8.63 -2.28
N HIS A 25 -3.32 -7.87 -2.40
CA HIS A 25 -2.01 -8.38 -2.01
C HIS A 25 -1.84 -8.37 -0.50
N GLY A 26 -2.51 -7.44 0.16
CA GLY A 26 -2.42 -7.35 1.60
C GLY A 26 -1.29 -6.44 2.06
N TRP A 27 -0.78 -5.63 1.14
CA TRP A 27 0.32 -4.72 1.46
C TRP A 27 0.39 -3.59 0.43
N CYS A 28 1.10 -2.52 0.78
CA CYS A 28 1.25 -1.37 -0.10
C CYS A 28 2.04 -1.75 -1.35
N VAL A 29 1.47 -1.47 -2.51
CA VAL A 29 2.12 -1.76 -3.78
C VAL A 29 2.46 -0.49 -4.55
N TRP A 30 3.38 -0.61 -5.50
CA TRP A 30 3.79 0.53 -6.30
C TRP A 30 2.60 1.13 -7.06
N ASP A 31 2.29 2.38 -6.78
CA ASP A 31 1.19 3.06 -7.43
C ASP A 31 1.51 3.36 -8.89
N GLY A 32 0.72 2.80 -9.80
CA GLY A 32 0.95 3.01 -11.21
C GLY A 32 1.39 1.76 -11.93
N THR A 33 1.88 0.78 -11.18
CA THR A 33 2.34 -0.48 -11.75
C THR A 33 1.42 -1.62 -11.35
N PHE A 34 0.92 -1.60 -10.12
CA PHE A 34 0.03 -2.64 -9.62
C PHE A 34 -1.14 -2.85 -10.58
N SER A 35 -1.89 -3.92 -10.36
CA SER A 35 -3.03 -4.24 -11.21
C SER A 35 -4.33 -3.74 -10.58
N GLU A 1 2.00 7.18 10.67
CA GLU A 1 3.08 7.13 9.68
C GLU A 1 2.69 6.27 8.49
N CYS A 2 3.09 6.69 7.30
CA CYS A 2 2.80 5.96 6.08
C CYS A 2 3.72 4.75 5.93
N ARG A 3 3.20 3.70 5.30
CA ARG A 3 3.97 2.47 5.10
C ARG A 3 4.58 2.45 3.71
N TYR A 4 5.64 1.67 3.54
CA TYR A 4 6.32 1.55 2.26
C TYR A 4 5.91 0.28 1.54
N TRP A 5 6.58 -0.01 0.42
CA TRP A 5 6.28 -1.20 -0.36
C TRP A 5 6.26 -2.44 0.51
N LEU A 6 5.24 -3.27 0.33
CA LEU A 6 5.10 -4.50 1.11
C LEU A 6 5.07 -4.19 2.60
N GLY A 7 4.67 -2.97 2.95
CA GLY A 7 4.60 -2.58 4.34
C GLY A 7 3.46 -3.26 5.08
N GLY A 8 2.33 -3.41 4.42
CA GLY A 8 1.18 -4.04 5.03
C GLY A 8 0.14 -3.04 5.50
N CYS A 9 -0.72 -2.61 4.59
CA CYS A 9 -1.76 -1.65 4.91
C CYS A 9 -2.93 -2.33 5.63
N SER A 10 -4.00 -1.58 5.84
CA SER A 10 -5.19 -2.10 6.51
C SER A 10 -6.42 -1.27 6.17
N ALA A 11 -7.51 -1.52 6.88
CA ALA A 11 -8.76 -0.80 6.65
C ALA A 11 -8.66 0.62 7.17
N GLY A 12 -7.75 0.85 8.11
CA GLY A 12 -7.58 2.18 8.67
C GLY A 12 -6.16 2.68 8.57
N GLN A 13 -5.39 2.09 7.66
CA GLN A 13 -3.99 2.47 7.46
C GLN A 13 -3.81 3.20 6.13
N THR A 14 -2.59 3.68 5.89
CA THR A 14 -2.29 4.39 4.65
C THR A 14 -0.94 3.96 4.09
N CYS A 15 -0.68 4.35 2.84
CA CYS A 15 0.57 4.00 2.19
C CYS A 15 1.30 5.26 1.70
N CYS A 16 2.62 5.26 1.83
CA CYS A 16 3.43 6.40 1.41
C CYS A 16 3.14 6.76 -0.05
N LYS A 17 3.73 7.86 -0.50
CA LYS A 17 3.54 8.33 -1.87
C LYS A 17 4.03 7.27 -2.87
N HIS A 18 3.49 7.31 -4.08
CA HIS A 18 3.87 6.37 -5.13
C HIS A 18 3.51 4.94 -4.73
N LEU A 19 2.57 4.82 -3.80
CA LEU A 19 2.13 3.50 -3.33
C LEU A 19 0.63 3.49 -3.08
N VAL A 20 0.05 2.29 -3.08
CA VAL A 20 -1.38 2.14 -2.84
C VAL A 20 -1.67 0.94 -1.96
N CYS A 21 -2.66 1.07 -1.09
CA CYS A 21 -3.05 -0.01 -0.18
C CYS A 21 -3.70 -1.16 -0.96
N SER A 22 -2.90 -2.17 -1.30
CA SER A 22 -3.40 -3.31 -2.04
C SER A 22 -4.24 -4.22 -1.14
N ARG A 23 -5.56 -4.09 -1.24
CA ARG A 23 -6.47 -4.89 -0.43
C ARG A 23 -6.40 -6.35 -0.83
N ARG A 24 -5.90 -6.61 -2.04
CA ARG A 24 -5.79 -7.98 -2.54
C ARG A 24 -4.47 -8.61 -2.10
N HIS A 25 -3.37 -7.91 -2.32
CA HIS A 25 -2.05 -8.40 -1.94
C HIS A 25 -1.88 -8.39 -0.43
N GLY A 26 -2.55 -7.44 0.23
CA GLY A 26 -2.46 -7.33 1.67
C GLY A 26 -1.32 -6.43 2.12
N TRP A 27 -0.81 -5.63 1.19
CA TRP A 27 0.29 -4.73 1.49
C TRP A 27 0.36 -3.60 0.47
N CYS A 28 1.05 -2.51 0.82
CA CYS A 28 1.20 -1.38 -0.07
C CYS A 28 1.98 -1.76 -1.33
N VAL A 29 1.40 -1.50 -2.49
CA VAL A 29 2.04 -1.82 -3.76
C VAL A 29 2.37 -0.55 -4.54
N TRP A 30 3.29 -0.67 -5.49
CA TRP A 30 3.69 0.46 -6.32
C TRP A 30 2.49 1.06 -7.05
N ASP A 31 2.19 2.31 -6.76
CA ASP A 31 1.07 3.00 -7.40
C ASP A 31 1.35 3.25 -8.87
N GLY A 32 0.50 2.70 -9.74
CA GLY A 32 0.69 2.87 -11.17
C GLY A 32 1.08 1.59 -11.87
N THR A 33 1.57 0.63 -11.10
CA THR A 33 1.99 -0.65 -11.65
C THR A 33 1.05 -1.78 -11.20
N PHE A 34 0.60 -1.71 -9.96
CA PHE A 34 -0.30 -2.72 -9.42
C PHE A 34 -1.50 -2.92 -10.34
N SER A 35 -2.28 -3.97 -10.07
CA SER A 35 -3.46 -4.28 -10.88
C SER A 35 -4.64 -3.39 -10.48
N GLU A 1 2.43 6.79 10.87
CA GLU A 1 3.04 7.28 9.63
C GLU A 1 2.66 6.40 8.45
N CYS A 2 3.05 6.82 7.25
CA CYS A 2 2.74 6.07 6.04
C CYS A 2 3.67 4.86 5.90
N ARG A 3 3.16 3.81 5.28
CA ARG A 3 3.93 2.59 5.08
C ARG A 3 4.54 2.55 3.67
N TYR A 4 5.60 1.76 3.52
CA TYR A 4 6.27 1.64 2.23
C TYR A 4 5.85 0.35 1.52
N TRP A 5 6.51 0.07 0.40
CA TRP A 5 6.20 -1.13 -0.37
C TRP A 5 6.20 -2.37 0.52
N LEU A 6 5.18 -3.21 0.36
CA LEU A 6 5.06 -4.43 1.16
C LEU A 6 5.04 -4.10 2.64
N GLY A 7 4.63 -2.88 2.98
CA GLY A 7 4.57 -2.48 4.38
C GLY A 7 3.45 -3.15 5.12
N GLY A 8 2.30 -3.31 4.46
CA GLY A 8 1.16 -3.95 5.10
C GLY A 8 0.13 -2.94 5.57
N CYS A 9 -0.74 -2.51 4.67
CA CYS A 9 -1.77 -1.54 5.00
C CYS A 9 -2.94 -2.22 5.74
N SER A 10 -4.01 -1.47 5.94
CA SER A 10 -5.18 -1.99 6.64
C SER A 10 -6.42 -1.18 6.29
N ALA A 11 -7.51 -1.43 7.02
CA ALA A 11 -8.76 -0.72 6.79
C ALA A 11 -8.68 0.72 7.27
N GLY A 12 -7.76 0.98 8.19
CA GLY A 12 -7.59 2.32 8.73
C GLY A 12 -6.17 2.82 8.61
N GLN A 13 -5.40 2.21 7.70
CA GLN A 13 -4.01 2.60 7.49
C GLN A 13 -3.84 3.31 6.15
N THR A 14 -2.63 3.79 5.90
CA THR A 14 -2.33 4.49 4.65
C THR A 14 -0.98 4.06 4.09
N CYS A 15 -0.72 4.42 2.83
CA CYS A 15 0.53 4.08 2.18
C CYS A 15 1.25 5.33 1.67
N CYS A 16 2.56 5.34 1.80
CA CYS A 16 3.36 6.48 1.35
C CYS A 16 3.07 6.81 -0.10
N LYS A 17 3.66 7.90 -0.59
CA LYS A 17 3.46 8.34 -1.96
C LYS A 17 3.94 7.27 -2.94
N HIS A 18 3.41 7.31 -4.15
CA HIS A 18 3.79 6.34 -5.19
C HIS A 18 3.43 4.93 -4.77
N LEU A 19 2.50 4.81 -3.82
CA LEU A 19 2.06 3.51 -3.33
C LEU A 19 0.56 3.50 -3.06
N VAL A 20 -0.03 2.31 -3.04
CA VAL A 20 -1.46 2.17 -2.80
C VAL A 20 -1.74 0.96 -1.91
N CYS A 21 -2.72 1.10 -1.03
CA CYS A 21 -3.09 0.03 -0.12
C CYS A 21 -3.75 -1.12 -0.87
N SER A 22 -2.95 -2.13 -1.23
CA SER A 22 -3.46 -3.28 -1.96
C SER A 22 -4.26 -4.20 -1.04
N ARG A 23 -5.59 -4.10 -1.14
CA ARG A 23 -6.48 -4.92 -0.32
C ARG A 23 -6.42 -6.39 -0.75
N ARG A 24 -5.94 -6.62 -1.96
CA ARG A 24 -5.84 -7.96 -2.50
C ARG A 24 -4.52 -8.63 -2.08
N HIS A 25 -3.44 -7.86 -2.18
CA HIS A 25 -2.11 -8.37 -1.82
C HIS A 25 -1.92 -8.35 -0.30
N GLY A 26 -2.59 -7.40 0.35
CA GLY A 26 -2.48 -7.29 1.80
C GLY A 26 -1.35 -6.37 2.23
N TRP A 27 -0.85 -5.58 1.29
CA TRP A 27 0.24 -4.65 1.57
C TRP A 27 0.29 -3.54 0.53
N CYS A 28 1.01 -2.47 0.86
CA CYS A 28 1.15 -1.33 -0.05
C CYS A 28 1.93 -1.72 -1.30
N VAL A 29 1.33 -1.46 -2.46
CA VAL A 29 1.97 -1.78 -3.73
C VAL A 29 2.30 -0.52 -4.52
N TRP A 30 3.20 -0.64 -5.49
CA TRP A 30 3.60 0.48 -6.32
C TRP A 30 2.39 1.07 -7.06
N ASP A 31 2.21 2.37 -6.91
CA ASP A 31 1.09 3.05 -7.57
C ASP A 31 1.45 3.40 -9.01
N GLY A 32 0.63 2.93 -9.95
CA GLY A 32 0.87 3.20 -11.36
C GLY A 32 1.21 1.95 -12.14
N THR A 33 1.65 0.91 -11.42
CA THR A 33 2.01 -0.35 -12.07
C THR A 33 1.17 -1.50 -11.53
N PHE A 34 0.81 -1.41 -10.25
CA PHE A 34 -0.01 -2.45 -9.61
C PHE A 34 -1.25 -2.76 -10.44
N SER A 35 -1.94 -3.83 -10.09
CA SER A 35 -3.15 -4.23 -10.80
C SER A 35 -4.33 -4.32 -9.84
N GLU A 1 1.97 6.97 10.85
CA GLU A 1 2.94 7.13 9.77
C GLU A 1 2.56 6.27 8.56
N CYS A 2 2.97 6.71 7.38
CA CYS A 2 2.68 5.98 6.15
C CYS A 2 3.60 4.77 6.01
N ARG A 3 3.08 3.72 5.37
CA ARG A 3 3.87 2.50 5.17
C ARG A 3 4.48 2.48 3.78
N TYR A 4 5.55 1.69 3.63
CA TYR A 4 6.24 1.58 2.35
C TYR A 4 5.83 0.30 1.62
N TRP A 5 6.50 0.02 0.51
CA TRP A 5 6.22 -1.17 -0.29
C TRP A 5 6.19 -2.41 0.60
N LEU A 6 5.17 -3.25 0.39
CA LEU A 6 5.03 -4.48 1.17
C LEU A 6 4.99 -4.17 2.67
N GLY A 7 4.58 -2.96 3.01
CA GLY A 7 4.50 -2.56 4.41
C GLY A 7 3.35 -3.24 5.13
N GLY A 8 2.23 -3.42 4.44
CA GLY A 8 1.08 -4.04 5.04
C GLY A 8 0.04 -3.04 5.52
N CYS A 9 -0.82 -2.59 4.60
CA CYS A 9 -1.85 -1.63 4.94
C CYS A 9 -3.03 -2.30 5.63
N SER A 10 -4.11 -1.55 5.83
CA SER A 10 -5.30 -2.08 6.49
C SER A 10 -6.53 -1.25 6.12
N ALA A 11 -7.63 -1.50 6.83
CA ALA A 11 -8.87 -0.78 6.57
C ALA A 11 -8.78 0.65 7.10
N GLY A 12 -7.88 0.88 8.05
CA GLY A 12 -7.72 2.20 8.62
C GLY A 12 -6.29 2.70 8.54
N GLN A 13 -5.52 2.11 7.63
CA GLN A 13 -4.13 2.50 7.45
C GLN A 13 -3.93 3.23 6.13
N THR A 14 -2.71 3.70 5.89
CA THR A 14 -2.39 4.42 4.66
C THR A 14 -1.03 4.00 4.11
N CYS A 15 -0.75 4.39 2.87
CA CYS A 15 0.51 4.04 2.23
C CYS A 15 1.23 5.29 1.75
N CYS A 16 2.56 5.31 1.90
CA CYS A 16 3.37 6.44 1.50
C CYS A 16 3.09 6.81 0.04
N LYS A 17 3.69 7.91 -0.41
CA LYS A 17 3.51 8.37 -1.79
C LYS A 17 4.01 7.32 -2.78
N HIS A 18 3.50 7.38 -4.00
CA HIS A 18 3.88 6.44 -5.04
C HIS A 18 3.52 5.02 -4.65
N LEU A 19 2.57 4.89 -3.72
CA LEU A 19 2.13 3.57 -3.27
C LEU A 19 0.63 3.56 -3.01
N VAL A 20 0.04 2.37 -3.05
CA VAL A 20 -1.39 2.22 -2.82
C VAL A 20 -1.68 1.00 -1.95
N CYS A 21 -2.69 1.13 -1.09
CA CYS A 21 -3.07 0.04 -0.19
C CYS A 21 -3.73 -1.09 -0.98
N SER A 22 -2.93 -2.10 -1.33
CA SER A 22 -3.42 -3.24 -2.08
C SER A 22 -4.26 -4.17 -1.18
N ARG A 23 -5.57 -4.07 -1.31
CA ARG A 23 -6.48 -4.88 -0.52
C ARG A 23 -6.42 -6.35 -0.95
N ARG A 24 -5.93 -6.58 -2.17
CA ARG A 24 -5.82 -7.93 -2.71
C ARG A 24 -4.52 -8.58 -2.26
N HIS A 25 -3.42 -7.83 -2.37
CA HIS A 25 -2.11 -8.35 -1.98
C HIS A 25 -1.95 -8.34 -0.46
N GLY A 26 -2.63 -7.39 0.20
CA GLY A 26 -2.54 -7.29 1.65
C GLY A 26 -1.40 -6.40 2.10
N TRP A 27 -0.89 -5.59 1.18
CA TRP A 27 0.21 -4.68 1.50
C TRP A 27 0.29 -3.55 0.47
N CYS A 28 1.00 -2.48 0.83
CA CYS A 28 1.16 -1.34 -0.06
C CYS A 28 1.96 -1.73 -1.31
N VAL A 29 1.39 -1.45 -2.47
CA VAL A 29 2.04 -1.76 -3.74
C VAL A 29 2.39 -0.49 -4.51
N TRP A 30 3.32 -0.61 -5.45
CA TRP A 30 3.75 0.53 -6.26
C TRP A 30 2.57 1.13 -7.02
N ASP A 31 2.27 2.39 -6.74
CA ASP A 31 1.16 3.07 -7.40
C ASP A 31 1.51 3.37 -8.86
N GLY A 32 0.72 2.82 -9.77
CA GLY A 32 0.95 3.03 -11.19
C GLY A 32 1.39 1.77 -11.91
N THR A 33 1.88 0.79 -11.14
CA THR A 33 2.34 -0.47 -11.71
C THR A 33 1.42 -1.61 -11.31
N PHE A 34 0.91 -1.58 -10.09
CA PHE A 34 0.02 -2.61 -9.60
C PHE A 34 -1.14 -2.83 -10.56
N SER A 35 -1.85 -3.94 -10.37
CA SER A 35 -2.99 -4.27 -11.23
C SER A 35 -4.18 -4.74 -10.40
N GLU A 1 2.46 6.74 10.94
CA GLU A 1 3.04 7.26 9.69
C GLU A 1 2.65 6.37 8.52
N CYS A 2 3.03 6.79 7.31
CA CYS A 2 2.73 6.04 6.10
C CYS A 2 3.67 4.84 5.96
N ARG A 3 3.17 3.78 5.34
CA ARG A 3 3.97 2.57 5.13
C ARG A 3 4.56 2.54 3.74
N TYR A 4 5.64 1.78 3.57
CA TYR A 4 6.30 1.67 2.28
C TYR A 4 5.90 0.37 1.57
N TRP A 5 6.56 0.09 0.45
CA TRP A 5 6.27 -1.11 -0.32
C TRP A 5 6.28 -2.35 0.58
N LEU A 6 5.28 -3.20 0.41
CA LEU A 6 5.17 -4.42 1.20
C LEU A 6 5.15 -4.10 2.69
N GLY A 7 4.74 -2.88 3.03
CA GLY A 7 4.69 -2.48 4.42
C GLY A 7 3.57 -3.18 5.18
N GLY A 8 2.43 -3.33 4.54
CA GLY A 8 1.30 -3.99 5.19
C GLY A 8 0.25 -3.00 5.66
N CYS A 9 -0.64 -2.60 4.76
CA CYS A 9 -1.69 -1.65 5.09
C CYS A 9 -2.84 -2.34 5.83
N SER A 10 -3.92 -1.61 6.05
CA SER A 10 -5.08 -2.15 6.74
C SER A 10 -6.33 -1.36 6.40
N ALA A 11 -7.41 -1.62 7.13
CA ALA A 11 -8.68 -0.92 6.92
C ALA A 11 -8.61 0.52 7.41
N GLY A 12 -7.68 0.78 8.33
CA GLY A 12 -7.53 2.12 8.86
C GLY A 12 -6.10 2.64 8.74
N GLN A 13 -5.34 2.05 7.83
CA GLN A 13 -3.95 2.46 7.61
C GLN A 13 -3.81 3.17 6.26
N THR A 14 -2.61 3.67 6.00
CA THR A 14 -2.33 4.37 4.75
C THR A 14 -0.98 3.96 4.18
N CYS A 15 -0.73 4.34 2.93
CA CYS A 15 0.52 4.01 2.26
C CYS A 15 1.22 5.27 1.75
N CYS A 16 2.54 5.31 1.86
CA CYS A 16 3.32 6.45 1.42
C CYS A 16 3.00 6.78 -0.05
N LYS A 17 3.59 7.87 -0.54
CA LYS A 17 3.37 8.30 -1.91
C LYS A 17 3.87 7.23 -2.89
N HIS A 18 3.33 7.26 -4.11
CA HIS A 18 3.72 6.29 -5.13
C HIS A 18 3.37 4.87 -4.70
N LEU A 19 2.44 4.75 -3.76
CA LEU A 19 2.03 3.45 -3.26
C LEU A 19 0.52 3.42 -2.99
N VAL A 20 -0.04 2.22 -2.96
CA VAL A 20 -1.47 2.06 -2.70
C VAL A 20 -1.73 0.85 -1.80
N CYS A 21 -2.71 0.98 -0.92
CA CYS A 21 -3.06 -0.09 0.00
C CYS A 21 -3.72 -1.26 -0.75
N SER A 22 -2.90 -2.25 -1.10
CA SER A 22 -3.40 -3.41 -1.82
C SER A 22 -4.21 -4.33 -0.90
N ARG A 23 -5.54 -4.18 -0.95
CA ARG A 23 -6.42 -4.99 -0.12
C ARG A 23 -6.32 -6.46 -0.49
N ARG A 24 -5.85 -6.73 -1.71
CA ARG A 24 -5.71 -8.10 -2.19
C ARG A 24 -4.38 -8.70 -1.74
N HIS A 25 -3.29 -8.01 -2.08
CA HIS A 25 -1.95 -8.48 -1.71
C HIS A 25 -1.77 -8.46 -0.20
N GLY A 26 -2.44 -7.52 0.46
CA GLY A 26 -2.33 -7.40 1.90
C GLY A 26 -1.20 -6.48 2.32
N TRP A 27 -0.72 -5.66 1.39
CA TRP A 27 0.37 -4.74 1.66
C TRP A 27 0.41 -3.62 0.63
N CYS A 28 1.09 -2.53 0.96
CA CYS A 28 1.20 -1.39 0.06
C CYS A 28 1.98 -1.77 -1.20
N VAL A 29 1.37 -1.53 -2.36
CA VAL A 29 2.00 -1.84 -3.64
C VAL A 29 2.28 -0.58 -4.44
N TRP A 30 3.17 -0.70 -5.42
CA TRP A 30 3.53 0.44 -6.25
C TRP A 30 2.29 1.01 -6.96
N ASP A 31 2.09 2.31 -6.81
CA ASP A 31 0.94 2.98 -7.44
C ASP A 31 1.25 3.32 -8.89
N GLY A 32 0.40 2.83 -9.80
CA GLY A 32 0.59 3.09 -11.21
C GLY A 32 0.89 1.84 -11.99
N THR A 33 1.36 0.80 -11.30
CA THR A 33 1.69 -0.46 -11.94
C THR A 33 0.87 -1.61 -11.35
N PHE A 34 0.57 -1.51 -10.07
CA PHE A 34 -0.21 -2.54 -9.38
C PHE A 34 -1.49 -2.84 -10.13
N SER A 35 -2.16 -3.93 -9.74
CA SER A 35 -3.40 -4.33 -10.39
C SER A 35 -3.17 -4.68 -11.85
N GLU A 1 2.34 6.61 10.97
CA GLU A 1 2.89 7.15 9.74
C GLU A 1 2.52 6.28 8.54
N CYS A 2 2.92 6.71 7.35
CA CYS A 2 2.64 5.97 6.13
C CYS A 2 3.57 4.78 6.00
N ARG A 3 3.08 3.71 5.36
CA ARG A 3 3.88 2.51 5.17
C ARG A 3 4.50 2.50 3.77
N TYR A 4 5.57 1.73 3.62
CA TYR A 4 6.25 1.62 2.33
C TYR A 4 5.87 0.34 1.61
N TRP A 5 6.55 0.06 0.49
CA TRP A 5 6.27 -1.13 -0.29
C TRP A 5 6.27 -2.37 0.60
N LEU A 6 5.26 -3.22 0.40
CA LEU A 6 5.15 -4.45 1.19
C LEU A 6 5.11 -4.14 2.68
N GLY A 7 4.69 -2.93 3.02
CA GLY A 7 4.62 -2.53 4.41
C GLY A 7 3.50 -3.23 5.16
N GLY A 8 2.36 -3.40 4.49
CA GLY A 8 1.22 -4.07 5.11
C GLY A 8 0.16 -3.08 5.58
N CYS A 9 -0.70 -2.68 4.66
CA CYS A 9 -1.76 -1.73 4.99
C CYS A 9 -2.93 -2.43 5.69
N SER A 10 -4.01 -1.70 5.91
CA SER A 10 -5.19 -2.25 6.58
C SER A 10 -6.43 -1.45 6.22
N ALA A 11 -7.52 -1.72 6.94
CA ALA A 11 -8.78 -1.02 6.71
C ALA A 11 -8.72 0.41 7.24
N GLY A 12 -7.80 0.65 8.16
CA GLY A 12 -7.66 1.99 8.74
C GLY A 12 -6.23 2.51 8.63
N GLN A 13 -5.46 1.93 7.72
CA GLN A 13 -4.08 2.35 7.52
C GLN A 13 -3.91 3.07 6.19
N THR A 14 -2.71 3.57 5.94
CA THR A 14 -2.41 4.29 4.71
C THR A 14 -1.06 3.89 4.14
N CYS A 15 -0.79 4.28 2.90
CA CYS A 15 0.47 3.96 2.25
C CYS A 15 1.16 5.23 1.76
N CYS A 16 2.48 5.26 1.89
CA CYS A 16 3.27 6.41 1.47
C CYS A 16 2.97 6.76 0.01
N LYS A 17 3.55 7.87 -0.46
CA LYS A 17 3.36 8.30 -1.83
C LYS A 17 3.86 7.27 -2.82
N HIS A 18 3.34 7.31 -4.04
CA HIS A 18 3.74 6.37 -5.08
C HIS A 18 3.40 4.93 -4.67
N LEU A 19 2.47 4.79 -3.75
CA LEU A 19 2.05 3.48 -3.27
C LEU A 19 0.55 3.43 -3.02
N VAL A 20 -0.02 2.23 -3.00
CA VAL A 20 -1.44 2.05 -2.77
C VAL A 20 -1.71 0.84 -1.89
N CYS A 21 -2.72 0.96 -1.02
CA CYS A 21 -3.07 -0.12 -0.12
C CYS A 21 -3.71 -1.28 -0.89
N SER A 22 -2.89 -2.28 -1.22
CA SER A 22 -3.38 -3.43 -1.96
C SER A 22 -4.20 -4.36 -1.06
N ARG A 23 -5.52 -4.20 -1.13
CA ARG A 23 -6.42 -5.01 -0.32
C ARG A 23 -6.33 -6.49 -0.69
N ARG A 24 -5.82 -6.75 -1.90
CA ARG A 24 -5.67 -8.11 -2.39
C ARG A 24 -4.36 -8.72 -1.92
N HIS A 25 -3.26 -8.03 -2.24
CA HIS A 25 -1.93 -8.50 -1.86
C HIS A 25 -1.76 -8.48 -0.35
N GLY A 26 -2.45 -7.55 0.31
CA GLY A 26 -2.35 -7.44 1.75
C GLY A 26 -1.24 -6.52 2.19
N TRP A 27 -0.74 -5.70 1.27
CA TRP A 27 0.34 -4.77 1.58
C TRP A 27 0.40 -3.65 0.55
N CYS A 28 1.07 -2.56 0.90
CA CYS A 28 1.20 -1.42 0.00
C CYS A 28 1.99 -1.79 -1.25
N VAL A 29 1.40 -1.54 -2.41
CA VAL A 29 2.04 -1.84 -3.69
C VAL A 29 2.34 -0.57 -4.47
N TRP A 30 3.26 -0.68 -5.42
CA TRP A 30 3.64 0.47 -6.25
C TRP A 30 2.42 1.04 -6.98
N ASP A 31 2.08 2.29 -6.66
CA ASP A 31 0.95 2.95 -7.29
C ASP A 31 1.22 3.24 -8.75
N GLY A 32 0.39 2.67 -9.63
CA GLY A 32 0.57 2.88 -11.06
C GLY A 32 0.99 1.62 -11.78
N THR A 33 1.50 0.64 -11.03
CA THR A 33 1.96 -0.61 -11.60
C THR A 33 1.06 -1.76 -11.17
N PHE A 34 0.61 -1.72 -9.92
CA PHE A 34 -0.26 -2.76 -9.38
C PHE A 34 -1.46 -2.99 -10.29
N SER A 35 -2.21 -4.06 -10.02
CA SER A 35 -3.38 -4.39 -10.83
C SER A 35 -3.01 -4.60 -12.29
N GLU A 1 2.89 6.57 10.97
CA GLU A 1 3.44 7.09 9.73
C GLU A 1 3.00 6.24 8.54
N CYS A 2 3.36 6.68 7.34
CA CYS A 2 3.00 5.96 6.12
C CYS A 2 3.89 4.72 5.93
N ARG A 3 3.34 3.69 5.32
CA ARG A 3 4.08 2.46 5.08
C ARG A 3 4.64 2.43 3.66
N TYR A 4 5.69 1.63 3.46
CA TYR A 4 6.32 1.52 2.15
C TYR A 4 5.86 0.25 1.44
N TRP A 5 6.49 -0.03 0.30
CA TRP A 5 6.15 -1.22 -0.49
C TRP A 5 6.14 -2.47 0.38
N LEU A 6 5.09 -3.27 0.23
CA LEU A 6 4.96 -4.50 1.00
C LEU A 6 4.99 -4.21 2.50
N GLY A 7 4.61 -2.98 2.87
CA GLY A 7 4.60 -2.60 4.27
C GLY A 7 3.48 -3.27 5.04
N GLY A 8 2.32 -3.40 4.41
CA GLY A 8 1.18 -4.02 5.06
C GLY A 8 0.18 -2.99 5.58
N CYS A 9 -0.71 -2.55 4.70
CA CYS A 9 -1.71 -1.56 5.07
C CYS A 9 -2.87 -2.22 5.81
N SER A 10 -3.93 -1.44 6.06
CA SER A 10 -5.10 -1.96 6.76
C SER A 10 -6.33 -1.11 6.45
N ALA A 11 -7.40 -1.35 7.20
CA ALA A 11 -8.64 -0.61 7.01
C ALA A 11 -8.52 0.82 7.53
N GLY A 12 -7.57 1.03 8.45
CA GLY A 12 -7.36 2.35 9.01
C GLY A 12 -5.93 2.82 8.86
N GLN A 13 -5.20 2.22 7.93
CA GLN A 13 -3.81 2.60 7.69
C GLN A 13 -3.66 3.33 6.36
N THR A 14 -2.44 3.77 6.08
CA THR A 14 -2.16 4.50 4.84
C THR A 14 -0.83 4.04 4.23
N CYS A 15 -0.60 4.44 2.98
CA CYS A 15 0.62 4.08 2.29
C CYS A 15 1.36 5.32 1.79
N CYS A 16 2.68 5.29 1.89
CA CYS A 16 3.50 6.42 1.45
C CYS A 16 3.17 6.81 0.01
N LYS A 17 3.76 7.91 -0.46
CA LYS A 17 3.52 8.38 -1.82
C LYS A 17 3.96 7.34 -2.84
N HIS A 18 3.38 7.40 -4.03
CA HIS A 18 3.71 6.46 -5.09
C HIS A 18 3.34 5.03 -4.70
N LEU A 19 2.43 4.91 -3.73
CA LEU A 19 1.99 3.60 -3.27
C LEU A 19 0.51 3.60 -2.95
N VAL A 20 -0.11 2.42 -2.98
CA VAL A 20 -1.53 2.30 -2.69
C VAL A 20 -1.80 1.09 -1.81
N CYS A 21 -2.78 1.22 -0.91
CA CYS A 21 -3.13 0.13 0.00
C CYS A 21 -3.83 -0.99 -0.75
N SER A 22 -3.06 -2.01 -1.13
CA SER A 22 -3.61 -3.15 -1.86
C SER A 22 -4.40 -4.06 -0.94
N ARG A 23 -5.73 -3.95 -1.00
CA ARG A 23 -6.60 -4.76 -0.17
C ARG A 23 -6.56 -6.22 -0.61
N ARG A 24 -6.17 -6.45 -1.85
CA ARG A 24 -6.09 -7.81 -2.39
C ARG A 24 -4.77 -8.48 -2.00
N HIS A 25 -3.68 -7.75 -2.17
CA HIS A 25 -2.36 -8.26 -1.84
C HIS A 25 -2.14 -8.26 -0.32
N GLY A 26 -2.77 -7.30 0.36
CA GLY A 26 -2.63 -7.21 1.80
C GLY A 26 -1.46 -6.34 2.21
N TRP A 27 -0.97 -5.53 1.27
CA TRP A 27 0.16 -4.64 1.55
C TRP A 27 0.22 -3.51 0.52
N CYS A 28 0.96 -2.46 0.86
CA CYS A 28 1.09 -1.31 -0.04
C CYS A 28 1.83 -1.70 -1.32
N VAL A 29 1.21 -1.41 -2.47
CA VAL A 29 1.81 -1.72 -3.75
C VAL A 29 2.14 -0.45 -4.53
N TRP A 30 3.02 -0.59 -5.52
CA TRP A 30 3.43 0.54 -6.34
C TRP A 30 2.23 1.17 -7.04
N ASP A 31 1.95 2.43 -6.75
CA ASP A 31 0.83 3.13 -7.36
C ASP A 31 1.12 3.43 -8.83
N GLY A 32 0.43 2.71 -9.72
CA GLY A 32 0.62 2.92 -11.14
C GLY A 32 0.85 1.62 -11.89
N THR A 33 1.69 0.75 -11.33
CA THR A 33 1.98 -0.53 -11.95
C THR A 33 1.69 -1.68 -11.00
N PHE A 34 0.87 -1.41 -9.98
CA PHE A 34 0.51 -2.43 -9.01
C PHE A 34 -0.11 -3.64 -9.69
N SER A 35 -0.17 -4.75 -8.96
CA SER A 35 -0.74 -5.99 -9.49
C SER A 35 -1.97 -6.40 -8.69
N GLU A 1 2.07 7.04 10.85
CA GLU A 1 2.92 7.35 9.70
C GLU A 1 2.56 6.46 8.51
N CYS A 2 2.98 6.89 7.32
CA CYS A 2 2.69 6.14 6.10
C CYS A 2 3.61 4.93 5.98
N ARG A 3 3.11 3.87 5.35
CA ARG A 3 3.88 2.64 5.17
C ARG A 3 4.50 2.60 3.78
N TYR A 4 5.56 1.82 3.64
CA TYR A 4 6.25 1.68 2.36
C TYR A 4 5.85 0.40 1.66
N TRP A 5 6.53 0.11 0.55
CA TRP A 5 6.25 -1.10 -0.23
C TRP A 5 6.21 -2.33 0.67
N LEU A 6 5.19 -3.17 0.48
CA LEU A 6 5.05 -4.38 1.27
C LEU A 6 5.00 -4.06 2.76
N GLY A 7 4.59 -2.84 3.09
CA GLY A 7 4.51 -2.43 4.47
C GLY A 7 3.36 -3.09 5.21
N GLY A 8 2.24 -3.27 4.52
CA GLY A 8 1.09 -3.90 5.12
C GLY A 8 0.05 -2.89 5.58
N CYS A 9 -0.81 -2.46 4.65
CA CYS A 9 -1.84 -1.49 4.96
C CYS A 9 -3.03 -2.16 5.65
N SER A 10 -4.10 -1.40 5.84
CA SER A 10 -5.31 -1.91 6.48
C SER A 10 -6.53 -1.09 6.11
N ALA A 11 -7.64 -1.33 6.81
CA ALA A 11 -8.87 -0.60 6.55
C ALA A 11 -8.79 0.83 7.06
N GLY A 12 -7.88 1.06 8.01
CA GLY A 12 -7.73 2.39 8.57
C GLY A 12 -6.29 2.88 8.48
N GLN A 13 -5.51 2.28 7.59
CA GLN A 13 -4.12 2.68 7.42
C GLN A 13 -3.92 3.39 6.08
N THR A 14 -2.70 3.86 5.85
CA THR A 14 -2.38 4.56 4.62
C THR A 14 -1.01 4.13 4.07
N CYS A 15 -0.73 4.50 2.83
CA CYS A 15 0.53 4.15 2.19
C CYS A 15 1.26 5.41 1.71
N CYS A 16 2.59 5.41 1.86
CA CYS A 16 3.40 6.54 1.44
C CYS A 16 3.13 6.89 -0.02
N LYS A 17 3.73 7.98 -0.48
CA LYS A 17 3.56 8.42 -1.86
C LYS A 17 4.06 7.36 -2.84
N HIS A 18 3.55 7.41 -4.07
CA HIS A 18 3.94 6.45 -5.10
C HIS A 18 3.57 5.03 -4.69
N LEU A 19 2.62 4.91 -3.76
CA LEU A 19 2.18 3.60 -3.29
C LEU A 19 0.67 3.59 -3.05
N VAL A 20 0.08 2.41 -3.07
CA VAL A 20 -1.36 2.27 -2.86
C VAL A 20 -1.66 1.06 -1.97
N CYS A 21 -2.65 1.21 -1.10
CA CYS A 21 -3.04 0.13 -0.19
C CYS A 21 -3.69 -1.01 -0.96
N SER A 22 -2.90 -2.03 -1.29
CA SER A 22 -3.40 -3.18 -2.03
C SER A 22 -4.26 -4.07 -1.12
N ARG A 23 -5.57 -3.90 -1.22
CA ARG A 23 -6.51 -4.68 -0.42
C ARG A 23 -6.43 -6.16 -0.78
N ARG A 24 -5.93 -6.44 -1.98
CA ARG A 24 -5.80 -7.81 -2.46
C ARG A 24 -4.50 -8.44 -1.98
N HIS A 25 -3.39 -7.79 -2.28
CA HIS A 25 -2.08 -8.28 -1.88
C HIS A 25 -1.92 -8.25 -0.36
N GLY A 26 -2.60 -7.30 0.28
CA GLY A 26 -2.53 -7.19 1.73
C GLY A 26 -1.40 -6.28 2.18
N TRP A 27 -0.87 -5.49 1.27
CA TRP A 27 0.22 -4.59 1.58
C TRP A 27 0.32 -3.47 0.54
N CYS A 28 1.03 -2.40 0.90
CA CYS A 28 1.21 -1.26 0.00
C CYS A 28 2.00 -1.66 -1.25
N VAL A 29 1.43 -1.40 -2.42
CA VAL A 29 2.09 -1.73 -3.68
C VAL A 29 2.43 -0.47 -4.47
N TRP A 30 3.35 -0.60 -5.40
CA TRP A 30 3.78 0.53 -6.23
C TRP A 30 2.59 1.10 -7.00
N ASP A 31 2.27 2.36 -6.71
CA ASP A 31 1.16 3.03 -7.38
C ASP A 31 1.51 3.38 -8.82
N GLY A 32 0.72 2.86 -9.75
CA GLY A 32 0.97 3.12 -11.16
C GLY A 32 1.46 1.89 -11.89
N THR A 33 1.96 0.91 -11.14
CA THR A 33 2.47 -0.32 -11.72
C THR A 33 1.60 -1.52 -11.33
N PHE A 34 1.10 -1.50 -10.10
CA PHE A 34 0.26 -2.57 -9.60
C PHE A 34 -0.89 -2.87 -10.56
N SER A 35 -1.54 -4.00 -10.37
CA SER A 35 -2.65 -4.41 -11.23
C SER A 35 -3.99 -3.95 -10.63
N GLU A 1 2.18 6.85 10.85
CA GLU A 1 2.90 7.28 9.66
C GLU A 1 2.54 6.40 8.46
N CYS A 2 2.98 6.82 7.28
CA CYS A 2 2.69 6.07 6.06
C CYS A 2 3.60 4.86 5.94
N ARG A 3 3.10 3.81 5.29
CA ARG A 3 3.86 2.59 5.12
C ARG A 3 4.50 2.54 3.73
N TYR A 4 5.56 1.74 3.60
CA TYR A 4 6.26 1.61 2.33
C TYR A 4 5.84 0.34 1.60
N TRP A 5 6.53 0.05 0.50
CA TRP A 5 6.23 -1.15 -0.28
C TRP A 5 6.18 -2.39 0.60
N LEU A 6 5.15 -3.21 0.40
CA LEU A 6 4.98 -4.42 1.18
C LEU A 6 4.93 -4.12 2.67
N GLY A 7 4.54 -2.89 3.01
CA GLY A 7 4.45 -2.49 4.39
C GLY A 7 3.29 -3.15 5.12
N GLY A 8 2.16 -3.28 4.43
CA GLY A 8 1.00 -3.90 5.04
C GLY A 8 -0.04 -2.88 5.48
N CYS A 9 -0.88 -2.45 4.55
CA CYS A 9 -1.92 -1.47 4.85
C CYS A 9 -3.10 -2.13 5.55
N SER A 10 -4.18 -1.36 5.73
CA SER A 10 -5.38 -1.87 6.38
C SER A 10 -6.59 -1.03 6.01
N ALA A 11 -7.70 -1.27 6.70
CA ALA A 11 -8.94 -0.54 6.45
C ALA A 11 -8.84 0.90 6.95
N GLY A 12 -7.93 1.13 7.90
CA GLY A 12 -7.76 2.45 8.45
C GLY A 12 -6.32 2.93 8.38
N GLN A 13 -5.55 2.33 7.48
CA GLN A 13 -4.14 2.69 7.31
C GLN A 13 -3.93 3.41 5.98
N THR A 14 -2.70 3.87 5.76
CA THR A 14 -2.36 4.57 4.53
C THR A 14 -1.01 4.12 4.00
N CYS A 15 -0.71 4.49 2.75
CA CYS A 15 0.56 4.13 2.13
C CYS A 15 1.30 5.37 1.64
N CYS A 16 2.62 5.37 1.81
CA CYS A 16 3.45 6.49 1.39
C CYS A 16 3.19 6.83 -0.08
N LYS A 17 3.83 7.91 -0.54
CA LYS A 17 3.68 8.35 -1.93
C LYS A 17 4.17 7.28 -2.90
N HIS A 18 3.67 7.32 -4.13
CA HIS A 18 4.06 6.36 -5.14
C HIS A 18 3.67 4.94 -4.73
N LEU A 19 2.70 4.84 -3.83
CA LEU A 19 2.23 3.55 -3.35
C LEU A 19 0.73 3.56 -3.13
N VAL A 20 0.11 2.38 -3.11
CA VAL A 20 -1.33 2.25 -2.91
C VAL A 20 -1.65 1.06 -2.03
N CYS A 21 -2.65 1.22 -1.17
CA CYS A 21 -3.07 0.15 -0.28
C CYS A 21 -3.73 -0.99 -1.05
N SER A 22 -2.94 -2.01 -1.38
CA SER A 22 -3.44 -3.16 -2.12
C SER A 22 -4.32 -4.04 -1.23
N ARG A 23 -5.63 -3.86 -1.34
CA ARG A 23 -6.57 -4.64 -0.53
C ARG A 23 -6.50 -6.12 -0.91
N ARG A 24 -5.99 -6.40 -2.11
CA ARG A 24 -5.87 -7.77 -2.60
C ARG A 24 -4.59 -8.41 -2.11
N HIS A 25 -3.46 -7.76 -2.40
CA HIS A 25 -2.15 -8.26 -1.99
C HIS A 25 -2.01 -8.24 -0.47
N GLY A 26 -2.69 -7.29 0.17
CA GLY A 26 -2.62 -7.18 1.61
C GLY A 26 -1.48 -6.30 2.07
N TRP A 27 -0.94 -5.50 1.16
CA TRP A 27 0.16 -4.60 1.48
C TRP A 27 0.27 -3.48 0.45
N CYS A 28 0.97 -2.41 0.82
CA CYS A 28 1.15 -1.28 -0.08
C CYS A 28 1.96 -1.67 -1.31
N VAL A 29 1.39 -1.41 -2.49
CA VAL A 29 2.05 -1.74 -3.74
C VAL A 29 2.40 -0.48 -4.53
N TRP A 30 3.32 -0.62 -5.48
CA TRP A 30 3.74 0.51 -6.30
C TRP A 30 2.56 1.11 -7.04
N ASP A 31 2.39 2.43 -6.90
CA ASP A 31 1.29 3.12 -7.57
C ASP A 31 1.64 3.45 -9.02
N GLY A 32 0.81 2.99 -9.95
CA GLY A 32 1.06 3.24 -11.35
C GLY A 32 1.35 1.97 -12.13
N THR A 33 1.76 0.92 -11.42
CA THR A 33 2.07 -0.35 -12.04
C THR A 33 1.20 -1.47 -11.48
N PHE A 34 0.86 -1.35 -10.20
CA PHE A 34 0.02 -2.36 -9.54
C PHE A 34 -1.24 -2.63 -10.34
N SER A 35 -1.95 -3.70 -9.99
CA SER A 35 -3.18 -4.06 -10.67
C SER A 35 -4.23 -4.57 -9.68
N GLU A 1 2.19 6.92 10.80
CA GLU A 1 2.94 7.30 9.61
C GLU A 1 2.57 6.41 8.42
N CYS A 2 2.98 6.83 7.23
CA CYS A 2 2.69 6.08 6.02
C CYS A 2 3.61 4.87 5.89
N ARG A 3 3.10 3.80 5.28
CA ARG A 3 3.88 2.58 5.09
C ARG A 3 4.50 2.53 3.71
N TYR A 4 5.56 1.75 3.56
CA TYR A 4 6.25 1.61 2.29
C TYR A 4 5.84 0.32 1.58
N TRP A 5 6.52 0.03 0.47
CA TRP A 5 6.24 -1.18 -0.29
C TRP A 5 6.21 -2.40 0.60
N LEU A 6 5.19 -3.24 0.42
CA LEU A 6 5.04 -4.45 1.22
C LEU A 6 5.00 -4.12 2.71
N GLY A 7 4.59 -2.90 3.03
CA GLY A 7 4.52 -2.48 4.42
C GLY A 7 3.38 -3.15 5.16
N GLY A 8 2.25 -3.32 4.49
CA GLY A 8 1.10 -3.94 5.11
C GLY A 8 0.06 -2.93 5.56
N CYS A 9 -0.80 -2.52 4.63
CA CYS A 9 -1.84 -1.55 4.94
C CYS A 9 -3.02 -2.23 5.65
N SER A 10 -4.09 -1.47 5.85
CA SER A 10 -5.27 -1.99 6.52
C SER A 10 -6.51 -1.17 6.15
N ALA A 11 -7.61 -1.41 6.86
CA ALA A 11 -8.85 -0.69 6.62
C ALA A 11 -8.76 0.75 7.12
N GLY A 12 -7.86 0.98 8.06
CA GLY A 12 -7.68 2.32 8.61
C GLY A 12 -6.26 2.82 8.51
N GLN A 13 -5.49 2.21 7.61
CA GLN A 13 -4.09 2.60 7.41
C GLN A 13 -3.91 3.31 6.07
N THR A 14 -2.69 3.78 5.82
CA THR A 14 -2.38 4.48 4.59
C THR A 14 -1.02 4.05 4.03
N CYS A 15 -0.74 4.41 2.79
CA CYS A 15 0.50 4.06 2.14
C CYS A 15 1.23 5.31 1.64
N CYS A 16 2.56 5.32 1.78
CA CYS A 16 3.37 6.45 1.35
C CYS A 16 3.07 6.79 -0.11
N LYS A 17 3.68 7.87 -0.60
CA LYS A 17 3.50 8.30 -1.98
C LYS A 17 4.00 7.24 -2.94
N HIS A 18 3.47 7.27 -4.17
CA HIS A 18 3.86 6.32 -5.19
C HIS A 18 3.50 4.89 -4.78
N LEU A 19 2.55 4.78 -3.85
CA LEU A 19 2.11 3.48 -3.36
C LEU A 19 0.61 3.47 -3.12
N VAL A 20 0.03 2.27 -3.09
CA VAL A 20 -1.41 2.12 -2.86
C VAL A 20 -1.71 0.93 -1.96
N CYS A 21 -2.71 1.07 -1.11
CA CYS A 21 -3.09 0.01 -0.19
C CYS A 21 -3.74 -1.15 -0.95
N SER A 22 -2.94 -2.16 -1.28
CA SER A 22 -3.43 -3.33 -2.00
C SER A 22 -4.28 -4.21 -1.08
N ARG A 23 -5.59 -4.09 -1.20
CA ARG A 23 -6.51 -4.88 -0.39
C ARG A 23 -6.43 -6.36 -0.77
N ARG A 24 -5.95 -6.63 -1.97
CA ARG A 24 -5.82 -8.00 -2.44
C ARG A 24 -4.51 -8.63 -1.98
N HIS A 25 -3.40 -7.93 -2.22
CA HIS A 25 -2.09 -8.41 -1.83
C HIS A 25 -1.93 -8.37 -0.30
N GLY A 26 -2.61 -7.41 0.33
CA GLY A 26 -2.53 -7.28 1.77
C GLY A 26 -1.39 -6.38 2.22
N TRP A 27 -0.87 -5.58 1.28
CA TRP A 27 0.23 -4.68 1.58
C TRP A 27 0.31 -3.56 0.54
N CYS A 28 1.00 -2.48 0.88
CA CYS A 28 1.17 -1.36 -0.03
C CYS A 28 1.95 -1.76 -1.27
N VAL A 29 1.37 -1.51 -2.44
CA VAL A 29 2.02 -1.85 -3.71
C VAL A 29 2.36 -0.60 -4.50
N TRP A 30 3.27 -0.73 -5.46
CA TRP A 30 3.67 0.39 -6.29
C TRP A 30 2.48 0.97 -7.04
N ASP A 31 2.15 2.23 -6.75
CA ASP A 31 1.03 2.90 -7.39
C ASP A 31 1.33 3.17 -8.86
N GLY A 32 0.51 2.60 -9.74
CA GLY A 32 0.70 2.78 -11.17
C GLY A 32 1.12 1.51 -11.86
N THR A 33 1.60 0.54 -11.10
CA THR A 33 2.04 -0.74 -11.64
C THR A 33 1.11 -1.87 -11.21
N PHE A 34 0.66 -1.80 -9.96
CA PHE A 34 -0.23 -2.83 -9.43
C PHE A 34 -1.43 -3.05 -10.34
N SER A 35 -2.19 -4.11 -10.07
CA SER A 35 -3.37 -4.43 -10.87
C SER A 35 -2.97 -4.64 -12.33
N GLU A 1 2.20 6.56 11.02
CA GLU A 1 2.75 7.13 9.79
C GLU A 1 2.40 6.27 8.58
N CYS A 2 2.85 6.71 7.41
CA CYS A 2 2.59 5.98 6.17
C CYS A 2 3.50 4.77 6.05
N ARG A 3 3.01 3.72 5.39
CA ARG A 3 3.79 2.51 5.21
C ARG A 3 4.44 2.48 3.83
N TYR A 4 5.50 1.69 3.69
CA TYR A 4 6.22 1.59 2.43
C TYR A 4 5.83 0.32 1.69
N TRP A 5 6.52 0.03 0.60
CA TRP A 5 6.25 -1.15 -0.21
C TRP A 5 6.21 -2.40 0.67
N LEU A 6 5.19 -3.24 0.46
CA LEU A 6 5.03 -4.46 1.22
C LEU A 6 4.97 -4.16 2.72
N GLY A 7 4.56 -2.94 3.06
CA GLY A 7 4.46 -2.56 4.45
C GLY A 7 3.31 -3.23 5.17
N GLY A 8 2.17 -3.34 4.49
CA GLY A 8 1.01 -3.97 5.07
C GLY A 8 -0.03 -2.97 5.53
N CYS A 9 -0.88 -2.53 4.59
CA CYS A 9 -1.92 -1.56 4.91
C CYS A 9 -3.10 -2.23 5.61
N SER A 10 -4.18 -1.48 5.79
CA SER A 10 -5.37 -1.99 6.44
C SER A 10 -6.60 -1.18 6.05
N ALA A 11 -7.71 -1.42 6.76
CA ALA A 11 -8.95 -0.71 6.49
C ALA A 11 -8.88 0.73 6.98
N GLY A 12 -7.99 0.98 7.93
CA GLY A 12 -7.83 2.31 8.48
C GLY A 12 -6.39 2.80 8.41
N GLN A 13 -5.61 2.21 7.53
CA GLN A 13 -4.22 2.59 7.37
C GLN A 13 -4.00 3.30 6.03
N THR A 14 -2.77 3.78 5.82
CA THR A 14 -2.43 4.48 4.59
C THR A 14 -1.07 4.05 4.06
N CYS A 15 -0.77 4.42 2.82
CA CYS A 15 0.51 4.07 2.21
C CYS A 15 1.25 5.32 1.74
N CYS A 16 2.57 5.32 1.92
CA CYS A 16 3.39 6.46 1.52
C CYS A 16 3.15 6.81 0.05
N LYS A 17 3.77 7.90 -0.39
CA LYS A 17 3.63 8.34 -1.77
C LYS A 17 4.15 7.29 -2.74
N HIS A 18 3.66 7.34 -3.98
CA HIS A 18 4.07 6.39 -5.01
C HIS A 18 3.69 4.97 -4.61
N LEU A 19 2.71 4.85 -3.71
CA LEU A 19 2.25 3.54 -3.25
C LEU A 19 0.74 3.54 -3.05
N VAL A 20 0.15 2.35 -3.03
CA VAL A 20 -1.29 2.21 -2.83
C VAL A 20 -1.62 1.00 -1.97
N CYS A 21 -2.63 1.14 -1.13
CA CYS A 21 -3.05 0.05 -0.25
C CYS A 21 -3.68 -1.08 -1.03
N SER A 22 -2.88 -2.08 -1.38
CA SER A 22 -3.37 -3.23 -2.14
C SER A 22 -4.22 -4.14 -1.26
N ARG A 23 -5.53 -4.04 -1.41
CA ARG A 23 -6.46 -4.86 -0.63
C ARG A 23 -6.40 -6.31 -1.08
N ARG A 24 -5.88 -6.53 -2.28
CA ARG A 24 -5.76 -7.89 -2.82
C ARG A 24 -4.46 -8.55 -2.36
N HIS A 25 -3.37 -7.80 -2.44
CA HIS A 25 -2.06 -8.32 -2.03
C HIS A 25 -1.93 -8.32 -0.51
N GLY A 26 -2.60 -7.38 0.13
CA GLY A 26 -2.54 -7.29 1.58
C GLY A 26 -1.42 -6.39 2.06
N TRP A 27 -0.89 -5.58 1.15
CA TRP A 27 0.21 -4.68 1.49
C TRP A 27 0.31 -3.54 0.47
N CYS A 28 1.01 -2.47 0.85
CA CYS A 28 1.19 -1.33 -0.04
C CYS A 28 2.01 -1.71 -1.27
N VAL A 29 1.45 -1.43 -2.44
CA VAL A 29 2.14 -1.74 -3.70
C VAL A 29 2.48 -0.47 -4.46
N TRP A 30 3.40 -0.59 -5.41
CA TRP A 30 3.82 0.55 -6.22
C TRP A 30 2.64 1.15 -6.97
N ASP A 31 2.45 2.46 -6.80
CA ASP A 31 1.35 3.17 -7.46
C ASP A 31 1.72 3.52 -8.90
N GLY A 32 0.91 3.06 -9.85
CA GLY A 32 1.18 3.34 -11.25
C GLY A 32 1.48 2.09 -12.04
N THR A 33 1.90 1.03 -11.35
CA THR A 33 2.24 -0.23 -11.99
C THR A 33 1.38 -1.36 -11.46
N PHE A 34 1.02 -1.27 -10.18
CA PHE A 34 0.20 -2.30 -9.55
C PHE A 34 -1.06 -2.57 -10.38
N SER A 35 -1.75 -3.66 -10.05
CA SER A 35 -2.97 -4.04 -10.76
C SER A 35 -2.70 -4.16 -12.26
N GLU A 1 2.40 6.70 10.99
CA GLU A 1 3.05 7.17 9.77
C GLU A 1 2.66 6.29 8.58
N CYS A 2 3.07 6.72 7.39
CA CYS A 2 2.76 5.97 6.17
C CYS A 2 3.67 4.77 6.03
N ARG A 3 3.16 3.70 5.40
CA ARG A 3 3.94 2.49 5.20
C ARG A 3 4.53 2.45 3.80
N TYR A 4 5.59 1.66 3.64
CA TYR A 4 6.26 1.53 2.35
C TYR A 4 5.84 0.26 1.64
N TRP A 5 6.50 -0.03 0.52
CA TRP A 5 6.19 -1.23 -0.25
C TRP A 5 6.18 -2.47 0.63
N LEU A 6 5.16 -3.30 0.47
CA LEU A 6 5.03 -4.52 1.26
C LEU A 6 5.02 -4.21 2.76
N GLY A 7 4.61 -2.99 3.09
CA GLY A 7 4.55 -2.59 4.47
C GLY A 7 3.41 -3.25 5.23
N GLY A 8 2.28 -3.44 4.55
CA GLY A 8 1.13 -4.06 5.18
C GLY A 8 0.11 -3.05 5.66
N CYS A 9 -0.76 -2.62 4.75
CA CYS A 9 -1.79 -1.65 5.09
C CYS A 9 -2.96 -2.32 5.81
N SER A 10 -4.03 -1.56 6.02
CA SER A 10 -5.21 -2.08 6.70
C SER A 10 -6.45 -1.26 6.36
N ALA A 11 -7.53 -1.51 7.08
CA ALA A 11 -8.78 -0.78 6.85
C ALA A 11 -8.68 0.65 7.37
N GLY A 12 -7.76 0.89 8.29
CA GLY A 12 -7.58 2.21 8.85
C GLY A 12 -6.16 2.70 8.73
N GLN A 13 -5.40 2.11 7.81
CA GLN A 13 -4.01 2.49 7.61
C GLN A 13 -3.84 3.22 6.27
N THR A 14 -2.62 3.68 6.01
CA THR A 14 -2.32 4.39 4.78
C THR A 14 -0.98 3.97 4.21
N CYS A 15 -0.72 4.34 2.96
CA CYS A 15 0.54 3.99 2.30
C CYS A 15 1.25 5.25 1.80
N CYS A 16 2.57 5.26 1.93
CA CYS A 16 3.38 6.39 1.50
C CYS A 16 3.08 6.74 0.04
N LYS A 17 3.68 7.83 -0.43
CA LYS A 17 3.47 8.28 -1.81
C LYS A 17 3.95 7.22 -2.79
N HIS A 18 3.42 7.27 -4.01
CA HIS A 18 3.80 6.31 -5.05
C HIS A 18 3.43 4.89 -4.64
N LEU A 19 2.50 4.77 -3.70
CA LEU A 19 2.07 3.47 -3.21
C LEU A 19 0.57 3.46 -2.94
N VAL A 20 -0.02 2.27 -2.95
CA VAL A 20 -1.46 2.13 -2.70
C VAL A 20 -1.74 0.91 -1.81
N CYS A 21 -2.72 1.05 -0.94
CA CYS A 21 -3.09 -0.03 -0.03
C CYS A 21 -3.76 -1.17 -0.79
N SER A 22 -2.96 -2.18 -1.14
CA SER A 22 -3.46 -3.33 -1.89
C SER A 22 -4.29 -4.24 -0.98
N ARG A 23 -5.61 -4.15 -1.08
CA ARG A 23 -6.50 -4.96 -0.27
C ARG A 23 -6.44 -6.43 -0.69
N ARG A 24 -5.97 -6.66 -1.91
CA ARG A 24 -5.87 -8.01 -2.44
C ARG A 24 -4.55 -8.67 -2.01
N HIS A 25 -3.45 -7.93 -2.13
CA HIS A 25 -2.14 -8.43 -1.76
C HIS A 25 -1.96 -8.40 -0.24
N GLY A 26 -2.62 -7.46 0.41
CA GLY A 26 -2.52 -7.34 1.85
C GLY A 26 -1.38 -6.44 2.29
N TRP A 27 -0.88 -5.64 1.35
CA TRP A 27 0.22 -4.72 1.65
C TRP A 27 0.29 -3.61 0.62
N CYS A 28 1.00 -2.54 0.94
CA CYS A 28 1.15 -1.40 0.05
C CYS A 28 1.92 -1.80 -1.20
N VAL A 29 1.35 -1.53 -2.37
CA VAL A 29 1.98 -1.85 -3.64
C VAL A 29 2.31 -0.58 -4.43
N TRP A 30 3.22 -0.71 -5.38
CA TRP A 30 3.63 0.42 -6.21
C TRP A 30 2.44 1.00 -6.97
N ASP A 31 2.12 2.25 -6.66
CA ASP A 31 1.01 2.92 -7.32
C ASP A 31 1.33 3.23 -8.78
N GLY A 32 0.54 2.67 -9.69
CA GLY A 32 0.75 2.89 -11.11
C GLY A 32 1.20 1.63 -11.83
N THR A 33 1.69 0.66 -11.07
CA THR A 33 2.16 -0.60 -11.64
C THR A 33 1.24 -1.75 -11.24
N PHE A 34 0.77 -1.72 -10.00
CA PHE A 34 -0.12 -2.77 -9.49
C PHE A 34 -1.28 -2.99 -10.44
N SER A 35 -2.03 -4.06 -10.20
CA SER A 35 -3.18 -4.41 -11.04
C SER A 35 -2.76 -4.54 -12.50
N GLU A 1 2.51 6.58 11.00
CA GLU A 1 2.91 7.20 9.75
C GLU A 1 2.54 6.33 8.56
N CYS A 2 2.92 6.77 7.37
CA CYS A 2 2.61 6.02 6.15
C CYS A 2 3.57 4.82 6.00
N ARG A 3 3.06 3.76 5.38
CA ARG A 3 3.86 2.55 5.17
C ARG A 3 4.45 2.54 3.76
N TYR A 4 5.53 1.77 3.59
CA TYR A 4 6.19 1.67 2.30
C TYR A 4 5.80 0.38 1.59
N TRP A 5 6.46 0.10 0.47
CA TRP A 5 6.17 -1.11 -0.31
C TRP A 5 6.19 -2.35 0.58
N LEU A 6 5.19 -3.20 0.42
CA LEU A 6 5.09 -4.42 1.21
C LEU A 6 5.09 -4.11 2.70
N GLY A 7 4.65 -2.90 3.04
CA GLY A 7 4.60 -2.50 4.43
C GLY A 7 3.50 -3.20 5.20
N GLY A 8 2.33 -3.29 4.59
CA GLY A 8 1.20 -3.94 5.23
C GLY A 8 0.17 -2.95 5.74
N CYS A 9 -0.72 -2.53 4.85
CA CYS A 9 -1.77 -1.57 5.22
C CYS A 9 -2.88 -2.25 6.00
N SER A 10 -3.97 -1.53 6.22
CA SER A 10 -5.11 -2.05 6.96
C SER A 10 -6.38 -1.28 6.63
N ALA A 11 -7.44 -1.54 7.40
CA ALA A 11 -8.71 -0.87 7.20
C ALA A 11 -8.64 0.59 7.65
N GLY A 12 -7.70 0.89 8.54
CA GLY A 12 -7.55 2.24 9.03
C GLY A 12 -6.14 2.76 8.87
N GLN A 13 -5.38 2.16 7.96
CA GLN A 13 -4.00 2.57 7.72
C GLN A 13 -3.87 3.25 6.36
N THR A 14 -2.66 3.73 6.06
CA THR A 14 -2.41 4.42 4.80
C THR A 14 -1.06 4.01 4.22
N CYS A 15 -0.84 4.34 2.96
CA CYS A 15 0.42 4.02 2.29
C CYS A 15 1.11 5.28 1.79
N CYS A 16 2.43 5.31 1.90
CA CYS A 16 3.22 6.46 1.46
C CYS A 16 2.91 6.79 0.00
N LYS A 17 3.48 7.89 -0.48
CA LYS A 17 3.27 8.33 -1.86
C LYS A 17 3.77 7.27 -2.84
N HIS A 18 3.23 7.29 -4.05
CA HIS A 18 3.62 6.34 -5.08
C HIS A 18 3.28 4.91 -4.65
N LEU A 19 2.35 4.79 -3.71
CA LEU A 19 1.95 3.48 -3.22
C LEU A 19 0.45 3.44 -2.94
N VAL A 20 -0.12 2.24 -2.90
CA VAL A 20 -1.55 2.08 -2.65
C VAL A 20 -1.80 0.86 -1.76
N CYS A 21 -2.77 0.98 -0.88
CA CYS A 21 -3.13 -0.11 0.03
C CYS A 21 -3.78 -1.27 -0.73
N SER A 22 -2.97 -2.26 -1.09
CA SER A 22 -3.46 -3.41 -1.82
C SER A 22 -4.24 -4.35 -0.90
N ARG A 23 -5.57 -4.27 -0.98
CA ARG A 23 -6.43 -5.11 -0.16
C ARG A 23 -6.35 -6.57 -0.60
N ARG A 24 -5.89 -6.80 -1.82
CA ARG A 24 -5.77 -8.14 -2.36
C ARG A 24 -4.43 -8.77 -1.95
N HIS A 25 -3.36 -8.00 -2.08
CA HIS A 25 -2.03 -8.48 -1.72
C HIS A 25 -1.83 -8.46 -0.20
N GLY A 26 -2.50 -7.53 0.46
CA GLY A 26 -2.39 -7.42 1.90
C GLY A 26 -1.27 -6.50 2.33
N TRP A 27 -0.80 -5.68 1.39
CA TRP A 27 0.29 -4.74 1.67
C TRP A 27 0.32 -3.62 0.64
N CYS A 28 1.02 -2.54 0.96
CA CYS A 28 1.13 -1.40 0.06
C CYS A 28 1.90 -1.77 -1.20
N VAL A 29 1.30 -1.52 -2.35
CA VAL A 29 1.94 -1.82 -3.64
C VAL A 29 2.24 -0.55 -4.42
N TRP A 30 3.11 -0.67 -5.40
CA TRP A 30 3.49 0.47 -6.24
C TRP A 30 2.26 1.04 -6.96
N ASP A 31 2.01 2.33 -6.76
CA ASP A 31 0.89 3.00 -7.40
C ASP A 31 1.22 3.39 -8.83
N GLY A 32 0.40 2.92 -9.77
CA GLY A 32 0.62 3.23 -11.18
C GLY A 32 0.98 2.01 -11.99
N THR A 33 1.46 0.97 -11.31
CA THR A 33 1.85 -0.27 -11.98
C THR A 33 1.05 -1.45 -11.45
N PHE A 34 0.70 -1.39 -10.17
CA PHE A 34 -0.07 -2.47 -9.55
C PHE A 34 -1.32 -2.79 -10.36
N SER A 35 -1.96 -3.92 -10.05
CA SER A 35 -3.16 -4.34 -10.75
C SER A 35 -4.41 -3.99 -9.95
N GLU A 1 2.43 6.83 11.00
CA GLU A 1 3.20 7.17 9.81
C GLU A 1 2.81 6.30 8.63
N CYS A 2 3.18 6.73 7.42
CA CYS A 2 2.86 6.00 6.21
C CYS A 2 3.78 4.78 6.05
N ARG A 3 3.26 3.74 5.43
CA ARG A 3 4.03 2.52 5.22
C ARG A 3 4.61 2.49 3.81
N TYR A 4 5.67 1.70 3.62
CA TYR A 4 6.32 1.60 2.33
C TYR A 4 5.89 0.31 1.60
N TRP A 5 6.54 0.04 0.48
CA TRP A 5 6.22 -1.16 -0.30
C TRP A 5 6.23 -2.40 0.58
N LEU A 6 5.21 -3.23 0.42
CA LEU A 6 5.10 -4.46 1.20
C LEU A 6 5.10 -4.16 2.69
N GLY A 7 4.70 -2.94 3.06
CA GLY A 7 4.67 -2.55 4.45
C GLY A 7 3.55 -3.23 5.21
N GLY A 8 2.40 -3.40 4.56
CA GLY A 8 1.27 -4.04 5.21
C GLY A 8 0.25 -3.04 5.71
N CYS A 9 -0.64 -2.61 4.83
CA CYS A 9 -1.68 -1.64 5.18
C CYS A 9 -2.82 -2.32 5.91
N SER A 10 -3.90 -1.58 6.15
CA SER A 10 -5.07 -2.10 6.84
C SER A 10 -6.31 -1.30 6.52
N ALA A 11 -7.38 -1.54 7.26
CA ALA A 11 -8.64 -0.83 7.05
C ALA A 11 -8.55 0.60 7.56
N GLY A 12 -7.61 0.84 8.47
CA GLY A 12 -7.44 2.17 9.04
C GLY A 12 -6.01 2.67 8.90
N GLN A 13 -5.27 2.08 7.98
CA GLN A 13 -3.88 2.48 7.75
C GLN A 13 -3.73 3.21 6.41
N THR A 14 -2.52 3.68 6.13
CA THR A 14 -2.25 4.40 4.90
C THR A 14 -0.91 3.97 4.30
N CYS A 15 -0.67 4.36 3.06
CA CYS A 15 0.57 4.02 2.37
C CYS A 15 1.28 5.27 1.87
N CYS A 16 2.60 5.29 1.97
CA CYS A 16 3.39 6.43 1.53
C CYS A 16 3.06 6.79 0.08
N LYS A 17 3.65 7.89 -0.40
CA LYS A 17 3.42 8.34 -1.76
C LYS A 17 3.90 7.30 -2.76
N HIS A 18 3.33 7.34 -3.97
CA HIS A 18 3.70 6.40 -5.02
C HIS A 18 3.35 4.97 -4.61
N LEU A 19 2.44 4.84 -3.66
CA LEU A 19 2.02 3.53 -3.17
C LEU A 19 0.52 3.51 -2.87
N VAL A 20 -0.06 2.32 -2.87
CA VAL A 20 -1.49 2.15 -2.60
C VAL A 20 -1.74 0.94 -1.71
N CYS A 21 -2.72 1.08 -0.82
CA CYS A 21 -3.08 -0.01 0.09
C CYS A 21 -3.74 -1.16 -0.66
N SER A 22 -2.95 -2.15 -1.03
CA SER A 22 -3.46 -3.31 -1.77
C SER A 22 -4.26 -4.23 -0.84
N ARG A 23 -5.59 -4.14 -0.93
CA ARG A 23 -6.45 -4.96 -0.10
C ARG A 23 -6.39 -6.43 -0.52
N ARG A 24 -5.96 -6.66 -1.76
CA ARG A 24 -5.85 -8.01 -2.29
C ARG A 24 -4.52 -8.65 -1.87
N HIS A 25 -3.44 -7.91 -2.03
CA HIS A 25 -2.11 -8.40 -1.69
C HIS A 25 -1.91 -8.38 -0.17
N GLY A 26 -2.57 -7.44 0.50
CA GLY A 26 -2.43 -7.32 1.93
C GLY A 26 -1.30 -6.42 2.36
N TRP A 27 -0.81 -5.61 1.42
CA TRP A 27 0.30 -4.70 1.69
C TRP A 27 0.34 -3.58 0.66
N CYS A 28 1.06 -2.51 0.98
CA CYS A 28 1.18 -1.36 0.09
C CYS A 28 1.94 -1.75 -1.19
N VAL A 29 1.33 -1.48 -2.33
CA VAL A 29 1.94 -1.80 -3.61
C VAL A 29 2.26 -0.54 -4.40
N TRP A 30 3.15 -0.66 -5.39
CA TRP A 30 3.54 0.47 -6.21
C TRP A 30 2.32 1.05 -6.94
N ASP A 31 1.99 2.30 -6.62
CA ASP A 31 0.85 2.97 -7.25
C ASP A 31 1.15 3.30 -8.71
N GLY A 32 0.33 2.75 -9.61
CA GLY A 32 0.53 3.00 -11.02
C GLY A 32 0.98 1.75 -11.77
N THR A 33 1.49 0.78 -11.03
CA THR A 33 1.97 -0.47 -11.63
C THR A 33 1.09 -1.65 -11.21
N PHE A 34 0.63 -1.62 -9.97
CA PHE A 34 -0.22 -2.70 -9.45
C PHE A 34 -1.41 -2.94 -10.37
N SER A 35 -2.09 -4.06 -10.16
CA SER A 35 -3.25 -4.42 -10.98
C SER A 35 -2.84 -4.61 -12.44
N GLU A 1 1.99 6.82 10.96
CA GLU A 1 2.84 7.14 9.82
C GLU A 1 2.50 6.27 8.62
N CYS A 2 2.90 6.72 7.43
CA CYS A 2 2.63 5.98 6.20
C CYS A 2 3.57 4.79 6.06
N ARG A 3 3.08 3.73 5.42
CA ARG A 3 3.87 2.53 5.23
C ARG A 3 4.51 2.52 3.83
N TYR A 4 5.57 1.75 3.68
CA TYR A 4 6.27 1.65 2.40
C TYR A 4 5.89 0.37 1.66
N TRP A 5 6.57 0.10 0.56
CA TRP A 5 6.30 -1.10 -0.23
C TRP A 5 6.29 -2.35 0.65
N LEU A 6 5.28 -3.19 0.45
CA LEU A 6 5.14 -4.42 1.22
C LEU A 6 5.10 -4.12 2.71
N GLY A 7 4.68 -2.91 3.05
CA GLY A 7 4.60 -2.52 4.45
C GLY A 7 3.46 -3.22 5.18
N GLY A 8 2.34 -3.39 4.49
CA GLY A 8 1.19 -4.04 5.10
C GLY A 8 0.14 -3.06 5.57
N CYS A 9 -0.72 -2.64 4.65
CA CYS A 9 -1.78 -1.69 4.98
C CYS A 9 -2.95 -2.39 5.67
N SER A 10 -4.04 -1.65 5.87
CA SER A 10 -5.22 -2.20 6.53
C SER A 10 -6.46 -1.39 6.16
N ALA A 11 -7.55 -1.66 6.87
CA ALA A 11 -8.81 -0.96 6.62
C ALA A 11 -8.74 0.47 7.16
N GLY A 12 -7.84 0.71 8.10
CA GLY A 12 -7.70 2.04 8.68
C GLY A 12 -6.27 2.55 8.59
N GLN A 13 -5.49 1.98 7.68
CA GLN A 13 -4.11 2.39 7.50
C GLN A 13 -3.92 3.12 6.17
N THR A 14 -2.72 3.62 5.94
CA THR A 14 -2.41 4.34 4.71
C THR A 14 -1.04 3.94 4.16
N CYS A 15 -0.77 4.34 2.93
CA CYS A 15 0.50 4.01 2.28
C CYS A 15 1.20 5.28 1.81
N CYS A 16 2.52 5.31 1.95
CA CYS A 16 3.32 6.45 1.54
C CYS A 16 3.04 6.81 0.09
N LYS A 17 3.62 7.92 -0.36
CA LYS A 17 3.44 8.37 -1.74
C LYS A 17 3.96 7.33 -2.73
N HIS A 18 3.44 7.39 -3.96
CA HIS A 18 3.85 6.45 -4.99
C HIS A 18 3.50 5.02 -4.61
N LEU A 19 2.57 4.88 -3.68
CA LEU A 19 2.13 3.56 -3.22
C LEU A 19 0.63 3.52 -2.97
N VAL A 20 0.06 2.33 -2.98
CA VAL A 20 -1.37 2.15 -2.76
C VAL A 20 -1.65 0.94 -1.89
N CYS A 21 -2.67 1.05 -1.03
CA CYS A 21 -3.03 -0.04 -0.14
C CYS A 21 -3.67 -1.19 -0.92
N SER A 22 -2.86 -2.18 -1.26
CA SER A 22 -3.33 -3.33 -2.01
C SER A 22 -4.17 -4.25 -1.12
N ARG A 23 -5.49 -4.12 -1.22
CA ARG A 23 -6.41 -4.93 -0.42
C ARG A 23 -6.30 -6.40 -0.83
N ARG A 24 -5.80 -6.65 -2.02
CA ARG A 24 -5.66 -8.02 -2.53
C ARG A 24 -4.35 -8.63 -2.06
N HIS A 25 -3.24 -7.94 -2.32
CA HIS A 25 -1.92 -8.41 -1.92
C HIS A 25 -1.77 -8.40 -0.41
N GLY A 26 -2.45 -7.46 0.24
CA GLY A 26 -2.38 -7.36 1.69
C GLY A 26 -1.26 -6.45 2.15
N TRP A 27 -0.75 -5.63 1.23
CA TRP A 27 0.34 -4.72 1.56
C TRP A 27 0.41 -3.58 0.53
N CYS A 28 1.10 -2.51 0.90
CA CYS A 28 1.25 -1.36 0.01
C CYS A 28 2.04 -1.73 -1.25
N VAL A 29 1.45 -1.46 -2.41
CA VAL A 29 2.11 -1.77 -3.68
C VAL A 29 2.44 -0.50 -4.45
N TRP A 30 3.35 -0.60 -5.40
CA TRP A 30 3.75 0.53 -6.21
C TRP A 30 2.55 1.11 -6.95
N ASP A 31 2.21 2.37 -6.65
CA ASP A 31 1.09 3.03 -7.29
C ASP A 31 1.38 3.30 -8.77
N GLY A 32 0.56 2.74 -9.64
CA GLY A 32 0.75 2.94 -11.06
C GLY A 32 1.17 1.66 -11.78
N THR A 33 1.67 0.70 -11.01
CA THR A 33 2.12 -0.58 -11.56
C THR A 33 1.20 -1.71 -11.14
N PHE A 34 0.72 -1.66 -9.90
CA PHE A 34 -0.17 -2.68 -9.37
C PHE A 34 -1.35 -2.91 -10.31
N SER A 35 -2.12 -3.96 -10.05
CA SER A 35 -3.27 -4.29 -10.87
C SER A 35 -4.55 -4.33 -10.03
N GLU A 1 2.72 6.74 10.91
CA GLU A 1 3.19 7.31 9.66
C GLU A 1 2.80 6.42 8.48
N CYS A 2 3.17 6.84 7.28
CA CYS A 2 2.86 6.08 6.08
C CYS A 2 3.79 4.87 5.93
N ARG A 3 3.28 3.81 5.32
CA ARG A 3 4.06 2.60 5.11
C ARG A 3 4.66 2.55 3.71
N TYR A 4 5.72 1.78 3.55
CA TYR A 4 6.38 1.65 2.25
C TYR A 4 5.96 0.37 1.55
N TRP A 5 6.62 0.07 0.44
CA TRP A 5 6.31 -1.14 -0.33
C TRP A 5 6.31 -2.36 0.57
N LEU A 6 5.29 -3.21 0.40
CA LEU A 6 5.17 -4.42 1.20
C LEU A 6 5.16 -4.10 2.70
N GLY A 7 4.76 -2.88 3.02
CA GLY A 7 4.71 -2.46 4.42
C GLY A 7 3.59 -3.14 5.18
N GLY A 8 2.43 -3.28 4.54
CA GLY A 8 1.30 -3.91 5.19
C GLY A 8 0.27 -2.91 5.66
N CYS A 9 -0.62 -2.50 4.75
CA CYS A 9 -1.66 -1.53 5.08
C CYS A 9 -2.82 -2.20 5.82
N SER A 10 -3.89 -1.46 6.03
CA SER A 10 -5.06 -1.97 6.73
C SER A 10 -6.30 -1.16 6.39
N ALA A 11 -7.38 -1.41 7.12
CA ALA A 11 -8.63 -0.69 6.91
C ALA A 11 -8.54 0.75 7.40
N GLY A 12 -7.60 0.99 8.31
CA GLY A 12 -7.44 2.33 8.85
C GLY A 12 -6.01 2.83 8.72
N GLN A 13 -5.25 2.23 7.80
CA GLN A 13 -3.87 2.62 7.58
C GLN A 13 -3.71 3.32 6.23
N THR A 14 -2.49 3.79 5.97
CA THR A 14 -2.21 4.50 4.73
C THR A 14 -0.86 4.05 4.15
N CYS A 15 -0.61 4.43 2.90
CA CYS A 15 0.64 4.08 2.24
C CYS A 15 1.35 5.33 1.72
N CYS A 16 2.67 5.34 1.83
CA CYS A 16 3.47 6.48 1.38
C CYS A 16 3.17 6.80 -0.08
N LYS A 17 3.76 7.88 -0.58
CA LYS A 17 3.55 8.30 -1.95
C LYS A 17 4.03 7.23 -2.93
N HIS A 18 3.50 7.26 -4.14
CA HIS A 18 3.87 6.29 -5.16
C HIS A 18 3.52 4.87 -4.74
N LEU A 19 2.59 4.76 -3.79
CA LEU A 19 2.14 3.47 -3.29
C LEU A 19 0.64 3.46 -3.02
N VAL A 20 0.05 2.27 -2.98
CA VAL A 20 -1.37 2.14 -2.72
C VAL A 20 -1.65 0.93 -1.82
N CYS A 21 -2.64 1.08 -0.94
CA CYS A 21 -3.01 0.01 -0.02
C CYS A 21 -3.67 -1.15 -0.77
N SER A 22 -2.87 -2.15 -1.10
CA SER A 22 -3.38 -3.31 -1.83
C SER A 22 -4.18 -4.22 -0.90
N ARG A 23 -5.51 -4.12 -1.00
CA ARG A 23 -6.39 -4.93 -0.17
C ARG A 23 -6.33 -6.40 -0.58
N ARG A 24 -5.86 -6.65 -1.80
CA ARG A 24 -5.76 -8.00 -2.31
C ARG A 24 -4.44 -8.65 -1.90
N HIS A 25 -3.35 -7.89 -2.05
CA HIS A 25 -2.02 -8.40 -1.69
C HIS A 25 -1.83 -8.36 -0.17
N GLY A 26 -2.49 -7.42 0.48
CA GLY A 26 -2.37 -7.28 1.92
C GLY A 26 -1.23 -6.38 2.34
N TRP A 27 -0.74 -5.58 1.40
CA TRP A 27 0.36 -4.67 1.67
C TRP A 27 0.41 -3.55 0.63
N CYS A 28 1.12 -2.48 0.95
CA CYS A 28 1.25 -1.34 0.05
C CYS A 28 2.01 -1.74 -1.21
N VAL A 29 1.42 -1.49 -2.37
CA VAL A 29 2.04 -1.82 -3.64
C VAL A 29 2.35 -0.56 -4.45
N TRP A 30 3.22 -0.70 -5.44
CA TRP A 30 3.61 0.44 -6.27
C TRP A 30 2.39 1.01 -6.99
N ASP A 31 2.20 2.32 -6.86
CA ASP A 31 1.07 3.00 -7.50
C ASP A 31 1.39 3.32 -8.95
N GLY A 32 0.53 2.84 -9.85
CA GLY A 32 0.73 3.08 -11.27
C GLY A 32 1.00 1.80 -12.04
N THR A 33 1.46 0.77 -11.34
CA THR A 33 1.76 -0.51 -11.96
C THR A 33 0.92 -1.63 -11.36
N PHE A 34 0.62 -1.51 -10.08
CA PHE A 34 -0.18 -2.51 -9.37
C PHE A 34 -1.47 -2.80 -10.13
N SER A 35 -2.15 -3.87 -9.72
CA SER A 35 -3.41 -4.26 -10.37
C SER A 35 -3.21 -4.44 -11.87
N GLU A 1 2.18 6.72 10.99
CA GLU A 1 2.93 7.12 9.81
C GLU A 1 2.57 6.25 8.61
N CYS A 2 2.96 6.69 7.42
CA CYS A 2 2.68 5.95 6.21
C CYS A 2 3.62 4.75 6.06
N ARG A 3 3.12 3.70 5.42
CA ARG A 3 3.91 2.48 5.21
C ARG A 3 4.53 2.47 3.81
N TYR A 4 5.59 1.70 3.66
CA TYR A 4 6.28 1.60 2.37
C TYR A 4 5.88 0.32 1.65
N TRP A 5 6.55 0.04 0.53
CA TRP A 5 6.27 -1.15 -0.25
C TRP A 5 6.26 -2.40 0.63
N LEU A 6 5.26 -3.25 0.45
CA LEU A 6 5.14 -4.47 1.23
C LEU A 6 5.12 -4.16 2.72
N GLY A 7 4.70 -2.95 3.06
CA GLY A 7 4.63 -2.56 4.46
C GLY A 7 3.52 -3.25 5.21
N GLY A 8 2.35 -3.37 4.56
CA GLY A 8 1.22 -4.02 5.20
C GLY A 8 0.18 -3.02 5.67
N CYS A 9 -0.70 -2.61 4.77
CA CYS A 9 -1.75 -1.66 5.10
C CYS A 9 -2.90 -2.35 5.84
N SER A 10 -3.99 -1.61 6.03
CA SER A 10 -5.15 -2.16 6.73
C SER A 10 -6.41 -1.37 6.38
N ALA A 11 -7.49 -1.63 7.11
CA ALA A 11 -8.76 -0.93 6.88
C ALA A 11 -8.69 0.51 7.36
N GLY A 12 -7.77 0.78 8.29
CA GLY A 12 -7.62 2.12 8.82
C GLY A 12 -6.20 2.64 8.71
N GLN A 13 -5.42 2.04 7.81
CA GLN A 13 -4.05 2.45 7.61
C GLN A 13 -3.87 3.16 6.27
N THR A 14 -2.67 3.65 6.01
CA THR A 14 -2.37 4.35 4.77
C THR A 14 -1.01 3.95 4.21
N CYS A 15 -0.75 4.31 2.96
CA CYS A 15 0.51 3.98 2.31
C CYS A 15 1.22 5.24 1.82
N CYS A 16 2.54 5.26 1.95
CA CYS A 16 3.33 6.41 1.52
C CYS A 16 3.04 6.75 0.06
N LYS A 17 3.63 7.85 -0.41
CA LYS A 17 3.45 8.28 -1.78
C LYS A 17 3.94 7.22 -2.77
N HIS A 18 3.42 7.26 -3.99
CA HIS A 18 3.82 6.31 -5.03
C HIS A 18 3.46 4.88 -4.61
N LEU A 19 2.52 4.76 -3.68
CA LEU A 19 2.09 3.45 -3.21
C LEU A 19 0.59 3.43 -2.95
N VAL A 20 0.02 2.23 -2.90
CA VAL A 20 -1.42 2.07 -2.67
C VAL A 20 -1.69 0.85 -1.80
N CYS A 21 -2.68 0.98 -0.92
CA CYS A 21 -3.06 -0.10 -0.02
C CYS A 21 -3.70 -1.25 -0.79
N SER A 22 -2.89 -2.24 -1.14
CA SER A 22 -3.38 -3.40 -1.88
C SER A 22 -4.18 -4.33 -0.97
N ARG A 23 -5.51 -4.24 -1.08
CA ARG A 23 -6.39 -5.08 -0.27
C ARG A 23 -6.32 -6.54 -0.70
N ARG A 24 -5.82 -6.76 -1.92
CA ARG A 24 -5.70 -8.10 -2.46
C ARG A 24 -4.38 -8.74 -2.03
N HIS A 25 -3.30 -7.99 -2.16
CA HIS A 25 -1.98 -8.48 -1.80
C HIS A 25 -1.79 -8.46 -0.28
N GLY A 26 -2.47 -7.53 0.39
CA GLY A 26 -2.37 -7.44 1.83
C GLY A 26 -1.24 -6.52 2.26
N TRP A 27 -0.75 -5.70 1.34
CA TRP A 27 0.33 -4.77 1.64
C TRP A 27 0.39 -3.65 0.62
N CYS A 28 1.07 -2.56 0.97
CA CYS A 28 1.20 -1.42 0.07
C CYS A 28 1.99 -1.79 -1.18
N VAL A 29 1.39 -1.53 -2.34
CA VAL A 29 2.04 -1.83 -3.61
C VAL A 29 2.34 -0.56 -4.39
N TRP A 30 3.24 -0.66 -5.37
CA TRP A 30 3.61 0.48 -6.20
C TRP A 30 2.39 1.05 -6.91
N ASP A 31 2.19 2.37 -6.77
CA ASP A 31 1.07 3.04 -7.39
C ASP A 31 1.39 3.37 -8.85
N GLY A 32 0.54 2.89 -9.76
CA GLY A 32 0.74 3.15 -11.17
C GLY A 32 1.03 1.89 -11.96
N THR A 33 1.48 0.85 -11.26
CA THR A 33 1.80 -0.42 -11.90
C THR A 33 0.97 -1.56 -11.31
N PHE A 34 0.65 -1.45 -10.02
CA PHE A 34 -0.13 -2.46 -9.34
C PHE A 34 -1.43 -2.75 -10.10
N SER A 35 -2.08 -3.85 -9.73
CA SER A 35 -3.33 -4.24 -10.39
C SER A 35 -4.51 -3.46 -9.82
N GLU A 1 2.43 6.57 11.00
CA GLU A 1 2.87 7.17 9.75
C GLU A 1 2.51 6.29 8.56
N CYS A 2 2.90 6.73 7.36
CA CYS A 2 2.61 5.98 6.15
C CYS A 2 3.56 4.79 6.00
N ARG A 3 3.07 3.73 5.38
CA ARG A 3 3.87 2.52 5.17
C ARG A 3 4.47 2.50 3.78
N TYR A 4 5.55 1.74 3.62
CA TYR A 4 6.22 1.64 2.33
C TYR A 4 5.84 0.34 1.61
N TRP A 5 6.50 0.07 0.50
CA TRP A 5 6.25 -1.13 -0.28
C TRP A 5 6.26 -2.37 0.61
N LEU A 6 5.26 -3.23 0.45
CA LEU A 6 5.16 -4.46 1.24
C LEU A 6 5.13 -4.14 2.72
N GLY A 7 4.71 -2.93 3.06
CA GLY A 7 4.64 -2.53 4.45
C GLY A 7 3.53 -3.23 5.21
N GLY A 8 2.37 -3.36 4.57
CA GLY A 8 1.24 -4.02 5.20
C GLY A 8 0.19 -3.03 5.68
N CYS A 9 -0.68 -2.62 4.77
CA CYS A 9 -1.75 -1.68 5.11
C CYS A 9 -2.89 -2.37 5.84
N SER A 10 -3.98 -1.64 6.04
CA SER A 10 -5.14 -2.19 6.74
C SER A 10 -6.41 -1.41 6.38
N ALA A 11 -7.49 -1.68 7.10
CA ALA A 11 -8.76 -0.99 6.86
C ALA A 11 -8.70 0.46 7.34
N GLY A 12 -7.79 0.73 8.27
CA GLY A 12 -7.66 2.08 8.80
C GLY A 12 -6.24 2.60 8.68
N GLN A 13 -5.46 2.02 7.78
CA GLN A 13 -4.08 2.43 7.57
C GLN A 13 -3.92 3.14 6.24
N THR A 14 -2.72 3.65 5.98
CA THR A 14 -2.43 4.34 4.74
C THR A 14 -1.06 3.94 4.17
N CYS A 15 -0.81 4.31 2.93
CA CYS A 15 0.45 3.98 2.27
C CYS A 15 1.15 5.25 1.76
N CYS A 16 2.47 5.28 1.91
CA CYS A 16 3.25 6.43 1.47
C CYS A 16 2.95 6.76 0.00
N LYS A 17 3.54 7.85 -0.47
CA LYS A 17 3.34 8.28 -1.86
C LYS A 17 3.85 7.23 -2.83
N HIS A 18 3.32 7.25 -4.05
CA HIS A 18 3.72 6.29 -5.08
C HIS A 18 3.39 4.86 -4.65
N LEU A 19 2.45 4.74 -3.72
CA LEU A 19 2.03 3.43 -3.23
C LEU A 19 0.53 3.40 -2.97
N VAL A 20 -0.03 2.20 -2.93
CA VAL A 20 -1.47 2.03 -2.69
C VAL A 20 -1.73 0.82 -1.80
N CYS A 21 -2.72 0.95 -0.92
CA CYS A 21 -3.08 -0.15 -0.02
C CYS A 21 -3.71 -1.30 -0.78
N SER A 22 -2.90 -2.29 -1.13
CA SER A 22 -3.39 -3.46 -1.86
C SER A 22 -4.18 -4.38 -0.95
N ARG A 23 -5.50 -4.31 -1.05
CA ARG A 23 -6.38 -5.14 -0.23
C ARG A 23 -6.30 -6.60 -0.67
N ARG A 24 -5.81 -6.83 -1.88
CA ARG A 24 -5.68 -8.18 -2.41
C ARG A 24 -4.36 -8.81 -1.99
N HIS A 25 -3.28 -8.04 -2.11
CA HIS A 25 -1.95 -8.52 -1.75
C HIS A 25 -1.76 -8.50 -0.23
N GLY A 26 -2.45 -7.57 0.43
CA GLY A 26 -2.34 -7.46 1.88
C GLY A 26 -1.22 -6.53 2.30
N TRP A 27 -0.73 -5.72 1.37
CA TRP A 27 0.34 -4.78 1.66
C TRP A 27 0.39 -3.66 0.63
N CYS A 28 1.07 -2.57 0.97
CA CYS A 28 1.19 -1.43 0.07
C CYS A 28 1.97 -1.80 -1.19
N VAL A 29 1.38 -1.55 -2.35
CA VAL A 29 2.02 -1.86 -3.62
C VAL A 29 2.31 -0.59 -4.41
N TRP A 30 3.21 -0.70 -5.39
CA TRP A 30 3.57 0.44 -6.22
C TRP A 30 2.35 1.02 -6.93
N ASP A 31 2.13 2.31 -6.77
CA ASP A 31 1.00 2.98 -7.41
C ASP A 31 1.32 3.33 -8.85
N GLY A 32 0.49 2.85 -9.78
CA GLY A 32 0.70 3.14 -11.18
C GLY A 32 1.03 1.88 -11.98
N THR A 33 1.50 0.85 -11.29
CA THR A 33 1.85 -0.40 -11.93
C THR A 33 1.04 -1.57 -11.37
N PHE A 34 0.71 -1.48 -10.08
CA PHE A 34 -0.07 -2.52 -9.43
C PHE A 34 -1.34 -2.84 -10.21
N SER A 35 -2.00 -3.94 -9.85
CA SER A 35 -3.22 -4.35 -10.52
C SER A 35 -4.38 -3.42 -10.17
N GLU A 1 2.55 6.54 11.00
CA GLU A 1 3.24 6.98 9.79
C GLU A 1 2.82 6.13 8.60
N CYS A 2 3.20 6.57 7.40
CA CYS A 2 2.87 5.86 6.18
C CYS A 2 3.76 4.64 5.99
N ARG A 3 3.23 3.61 5.36
CA ARG A 3 3.98 2.39 5.11
C ARG A 3 4.57 2.37 3.71
N TYR A 4 5.61 1.58 3.51
CA TYR A 4 6.27 1.48 2.21
C TYR A 4 5.84 0.22 1.48
N TRP A 5 6.47 -0.05 0.35
CA TRP A 5 6.15 -1.23 -0.45
C TRP A 5 6.14 -2.49 0.42
N LEU A 6 5.12 -3.32 0.26
CA LEU A 6 5.00 -4.55 1.02
C LEU A 6 5.01 -4.26 2.52
N GLY A 7 4.62 -3.05 2.88
CA GLY A 7 4.58 -2.67 4.29
C GLY A 7 3.47 -3.36 5.05
N GLY A 8 2.29 -3.45 4.42
CA GLY A 8 1.17 -4.08 5.05
C GLY A 8 0.15 -3.08 5.58
N CYS A 9 -0.73 -2.62 4.70
CA CYS A 9 -1.75 -1.66 5.07
C CYS A 9 -2.91 -2.34 5.81
N SER A 10 -3.97 -1.58 6.05
CA SER A 10 -5.14 -2.11 6.75
C SER A 10 -6.38 -1.28 6.43
N ALA A 11 -7.45 -1.53 7.17
CA ALA A 11 -8.70 -0.81 6.97
C ALA A 11 -8.60 0.62 7.48
N GLY A 12 -7.66 0.86 8.39
CA GLY A 12 -7.47 2.19 8.96
C GLY A 12 -6.05 2.68 8.82
N GLN A 13 -5.30 2.08 7.89
CA GLN A 13 -3.91 2.46 7.67
C GLN A 13 -3.76 3.19 6.34
N THR A 14 -2.55 3.66 6.06
CA THR A 14 -2.26 4.38 4.82
C THR A 14 -0.93 3.96 4.24
N CYS A 15 -0.69 4.34 2.98
CA CYS A 15 0.55 3.99 2.30
C CYS A 15 1.27 5.24 1.81
N CYS A 16 2.60 5.24 1.93
CA CYS A 16 3.41 6.37 1.50
C CYS A 16 3.09 6.76 0.06
N LYS A 17 3.68 7.86 -0.40
CA LYS A 17 3.46 8.34 -1.76
C LYS A 17 3.92 7.30 -2.78
N HIS A 18 3.35 7.36 -3.98
CA HIS A 18 3.70 6.42 -5.04
C HIS A 18 3.35 5.00 -4.66
N LEU A 19 2.44 4.86 -3.70
CA LEU A 19 2.00 3.55 -3.23
C LEU A 19 0.50 3.54 -2.95
N VAL A 20 -0.09 2.35 -2.96
CA VAL A 20 -1.52 2.21 -2.70
C VAL A 20 -1.80 0.98 -1.84
N CYS A 21 -2.76 1.11 -0.93
CA CYS A 21 -3.12 0.01 -0.04
C CYS A 21 -3.80 -1.11 -0.81
N SER A 22 -3.03 -2.13 -1.18
CA SER A 22 -3.55 -3.25 -1.93
C SER A 22 -4.35 -4.18 -1.02
N ARG A 23 -5.67 -4.07 -1.08
CA ARG A 23 -6.55 -4.90 -0.26
C ARG A 23 -6.52 -6.36 -0.74
N ARG A 24 -6.07 -6.56 -1.96
CA ARG A 24 -5.98 -7.90 -2.54
C ARG A 24 -4.67 -8.58 -2.16
N HIS A 25 -3.57 -7.83 -2.26
CA HIS A 25 -2.25 -8.35 -1.93
C HIS A 25 -2.05 -8.37 -0.41
N GLY A 26 -2.68 -7.44 0.29
CA GLY A 26 -2.55 -7.36 1.72
C GLY A 26 -1.41 -6.47 2.15
N TRP A 27 -0.92 -5.65 1.22
CA TRP A 27 0.19 -4.74 1.52
C TRP A 27 0.23 -3.61 0.50
N CYS A 28 0.97 -2.56 0.84
CA CYS A 28 1.10 -1.40 -0.05
C CYS A 28 1.86 -1.76 -1.32
N VAL A 29 1.26 -1.47 -2.46
CA VAL A 29 1.87 -1.76 -3.75
C VAL A 29 2.20 -0.49 -4.51
N TRP A 30 3.08 -0.60 -5.49
CA TRP A 30 3.48 0.55 -6.30
C TRP A 30 2.28 1.16 -7.00
N ASP A 31 1.99 2.42 -6.69
CA ASP A 31 0.86 3.13 -7.29
C ASP A 31 1.15 3.45 -8.75
N GLY A 32 0.48 2.74 -9.66
CA GLY A 32 0.68 2.97 -11.08
C GLY A 32 0.92 1.69 -11.85
N THR A 33 1.77 0.83 -11.29
CA THR A 33 2.10 -0.44 -11.93
C THR A 33 1.80 -1.62 -11.00
N PHE A 34 0.99 -1.37 -9.99
CA PHE A 34 0.63 -2.41 -9.02
C PHE A 34 0.03 -3.62 -9.73
N SER A 35 0.13 -4.78 -9.09
CA SER A 35 -0.41 -6.02 -9.65
C SER A 35 -1.91 -6.11 -9.42
N GLU A 1 2.11 6.83 10.84
CA GLU A 1 2.87 7.22 9.67
C GLU A 1 2.51 6.34 8.47
N CYS A 2 2.92 6.78 7.28
CA CYS A 2 2.65 6.04 6.05
C CYS A 2 3.59 4.84 5.93
N ARG A 3 3.10 3.78 5.29
CA ARG A 3 3.90 2.57 5.10
C ARG A 3 4.51 2.55 3.71
N TYR A 4 5.58 1.76 3.56
CA TYR A 4 6.27 1.65 2.28
C TYR A 4 5.89 0.36 1.56
N TRP A 5 6.58 0.08 0.47
CA TRP A 5 6.31 -1.13 -0.32
C TRP A 5 6.30 -2.37 0.58
N LEU A 6 5.29 -3.21 0.40
CA LEU A 6 5.16 -4.43 1.20
C LEU A 6 5.12 -4.10 2.68
N GLY A 7 4.70 -2.88 3.01
CA GLY A 7 4.63 -2.48 4.40
C GLY A 7 3.50 -3.16 5.15
N GLY A 8 2.35 -3.27 4.51
CA GLY A 8 1.21 -3.91 5.13
C GLY A 8 0.16 -2.91 5.59
N CYS A 9 -0.71 -2.49 4.67
CA CYS A 9 -1.76 -1.53 5.00
C CYS A 9 -2.90 -2.21 5.74
N SER A 10 -3.99 -1.47 5.94
CA SER A 10 -5.16 -2.00 6.63
C SER A 10 -6.42 -1.20 6.27
N ALA A 11 -7.49 -1.45 7.00
CA ALA A 11 -8.75 -0.76 6.76
C ALA A 11 -8.68 0.69 7.24
N GLY A 12 -7.77 0.97 8.16
CA GLY A 12 -7.61 2.31 8.68
C GLY A 12 -6.20 2.82 8.56
N GLN A 13 -5.42 2.22 7.66
CA GLN A 13 -4.03 2.61 7.45
C GLN A 13 -3.86 3.30 6.10
N THR A 14 -2.65 3.79 5.85
CA THR A 14 -2.36 4.47 4.59
C THR A 14 -1.00 4.05 4.04
N CYS A 15 -0.73 4.40 2.79
CA CYS A 15 0.53 4.07 2.16
C CYS A 15 1.25 5.32 1.66
N CYS A 16 2.57 5.35 1.81
CA CYS A 16 3.37 6.49 1.37
C CYS A 16 3.10 6.81 -0.09
N LYS A 17 3.70 7.90 -0.57
CA LYS A 17 3.53 8.32 -1.95
C LYS A 17 4.04 7.26 -2.92
N HIS A 18 3.54 7.28 -4.14
CA HIS A 18 3.94 6.32 -5.16
C HIS A 18 3.59 4.90 -4.73
N LEU A 19 2.62 4.78 -3.82
CA LEU A 19 2.18 3.48 -3.33
C LEU A 19 0.67 3.47 -3.10
N VAL A 20 0.11 2.26 -3.04
CA VAL A 20 -1.33 2.12 -2.82
C VAL A 20 -1.62 0.90 -1.94
N CYS A 21 -2.62 1.05 -1.07
CA CYS A 21 -3.00 -0.03 -0.16
C CYS A 21 -3.64 -1.19 -0.94
N SER A 22 -2.84 -2.19 -1.27
CA SER A 22 -3.33 -3.35 -2.01
C SER A 22 -4.14 -4.26 -1.11
N ARG A 23 -5.46 -4.16 -1.22
CA ARG A 23 -6.36 -4.98 -0.41
C ARG A 23 -6.31 -6.44 -0.86
N ARG A 24 -5.77 -6.67 -2.05
CA ARG A 24 -5.67 -8.02 -2.59
C ARG A 24 -4.35 -8.67 -2.17
N HIS A 25 -3.28 -7.90 -2.23
CA HIS A 25 -1.96 -8.42 -1.86
C HIS A 25 -1.78 -8.39 -0.34
N GLY A 26 -2.46 -7.46 0.31
CA GLY A 26 -2.36 -7.36 1.76
C GLY A 26 -1.24 -6.44 2.20
N TRP A 27 -0.74 -5.63 1.26
CA TRP A 27 0.35 -4.70 1.57
C TRP A 27 0.40 -3.58 0.53
N CYS A 28 1.10 -2.50 0.87
CA CYS A 28 1.23 -1.37 -0.03
C CYS A 28 2.03 -1.75 -1.28
N VAL A 29 1.46 -1.49 -2.45
CA VAL A 29 2.12 -1.81 -3.71
C VAL A 29 2.43 -0.54 -4.49
N TRP A 30 3.35 -0.65 -5.45
CA TRP A 30 3.74 0.48 -6.28
C TRP A 30 2.53 1.06 -7.01
N ASP A 31 2.33 2.37 -6.87
CA ASP A 31 1.22 3.05 -7.52
C ASP A 31 1.56 3.39 -8.97
N GLY A 32 0.72 2.91 -9.88
CA GLY A 32 0.94 3.16 -11.29
C GLY A 32 1.23 1.89 -12.07
N THR A 33 1.67 0.86 -11.37
CA THR A 33 2.00 -0.42 -11.99
C THR A 33 1.16 -1.55 -11.42
N PHE A 34 0.83 -1.44 -10.14
CA PHE A 34 0.02 -2.45 -9.46
C PHE A 34 -1.25 -2.74 -10.24
N SER A 35 -1.93 -3.82 -9.87
CA SER A 35 -3.17 -4.21 -10.54
C SER A 35 -4.38 -3.60 -9.84
#